data_4KJG
#
_entry.id   4KJG
#
_cell.length_a   90.306
_cell.length_b   167.170
_cell.length_c   71.843
_cell.angle_alpha   90.00
_cell.angle_beta   90.00
_cell.angle_gamma   90.00
#
_symmetry.space_group_name_H-M   'P 21 21 21'
#
loop_
_entity.id
_entity.type
_entity.pdbx_description
1 polymer 'Intestinal-type alkaline phosphatase 1'
2 branched 2-acetamido-2-deoxy-beta-D-glucopyranose-(1-6)-2-acetamido-2-deoxy-beta-D-glucopyranose-(1-4)-2-acetamido-2-deoxy-beta-D-glucopyranose-(1-4)-2-acetamido-2-deoxy-beta-D-glucopyranose
3 branched 2-acetamido-2-deoxy-beta-D-glucopyranose-(1-4)-[2-acetamido-2-deoxy-beta-D-glucopyranose-(1-6)]2-acetamido-2-deoxy-beta-D-glucopyranose
4 non-polymer 'ZINC ION'
5 non-polymer 'MAGNESIUM ION'
6 non-polymer '4-NITROPHENYL PHOSPHATE'
7 non-polymer 2-acetamido-2-deoxy-beta-D-glucopyranose
8 water water
#
_entity_poly.entity_id   1
_entity_poly.type   'polypeptide(L)'
_entity_poly.pdbx_seq_one_letter_code
;VIPVEEENPVFWNQKAKEALDVAKKLQPIQTSAKNLILFLGDGMGVPTVTATRILKGQLGGHLGPETPLAMDHFPFTALS
KTYNVDRQVPDSAGTATAYLCGVKANYKTIGVSAAARFNQCNSTFGNEVFSVMHRAKKAGKSVGVVTTTRVQHASPAGTY
AHTVNRDWYSDADMPSSALQEGCKDIATQLISNMDIDVILGGGRKFMFPKGTPDPEYPGDSDQSGVRLDSRNLVEEWLAK
YQGTRYVWNREQLMQASQDPAVTRLMGLFEPTEMKYDVNRNASADPSLAEMTEVAVRLLSRNPQGFYLFVEGGRIDQGHH
AGTAYLALTEAVMFDSAIEKASQLTNEKDTLTLITADHSHVFAFGGYTLRGTSIFGLAPLNAQDGKSYTSILYGNGPGYV
LNSGNRPNVTDAESGDVNYKQQAAVPLSSETHGGEDVAIFARGPQAHLVHGVQEQNYIAHVMAFAGCLEPYTDCGLAPPA
DEHHHHHH
;
_entity_poly.pdbx_strand_id   A,B
#
loop_
_chem_comp.id
_chem_comp.type
_chem_comp.name
_chem_comp.formula
4NP non-polymer '4-NITROPHENYL PHOSPHATE' 'C6 H6 N O6 P'
MG non-polymer 'MAGNESIUM ION' 'Mg 2'
NAG D-saccharide, beta linking 2-acetamido-2-deoxy-beta-D-glucopyranose 'C8 H15 N O6'
ZN non-polymer 'ZINC ION' 'Zn 2'
#
# COMPACT_ATOMS: atom_id res chain seq x y z
N VAL A 1 -11.28 14.81 -17.29
CA VAL A 1 -12.68 15.18 -17.12
C VAL A 1 -12.86 15.78 -15.72
N ILE A 2 -13.49 16.98 -15.63
CA ILE A 2 -13.81 17.61 -14.36
C ILE A 2 -15.30 17.45 -14.08
N PRO A 3 -15.69 16.45 -13.26
CA PRO A 3 -17.13 16.33 -12.94
C PRO A 3 -17.59 17.57 -12.15
N VAL A 4 -18.57 18.31 -12.71
CA VAL A 4 -19.14 19.54 -12.13
C VAL A 4 -19.50 19.42 -10.66
N GLU A 5 -20.21 18.38 -10.26
CA GLU A 5 -20.57 18.20 -8.84
C GLU A 5 -19.35 18.30 -7.86
N GLU A 6 -18.14 17.87 -8.31
CA GLU A 6 -16.88 17.86 -7.56
C GLU A 6 -16.20 19.24 -7.50
N GLU A 7 -16.74 20.22 -8.30
CA GLU A 7 -16.23 21.59 -8.31
C GLU A 7 -16.65 22.35 -7.02
N ASN A 8 -17.72 21.88 -6.38
CA ASN A 8 -18.28 22.49 -5.19
C ASN A 8 -17.66 21.91 -3.92
N PRO A 9 -17.09 22.75 -3.01
CA PRO A 9 -16.54 22.20 -1.73
C PRO A 9 -17.57 21.46 -0.90
N VAL A 10 -18.89 21.83 -1.02
CA VAL A 10 -20.01 21.20 -0.29
C VAL A 10 -20.05 19.70 -0.58
N PHE A 11 -19.71 19.29 -1.83
CA PHE A 11 -19.68 17.88 -2.24
C PHE A 11 -18.70 17.08 -1.38
N TRP A 12 -17.47 17.64 -1.22
CA TRP A 12 -16.39 17.04 -0.46
C TRP A 12 -16.61 17.09 1.02
N ASN A 13 -17.18 18.21 1.53
CA ASN A 13 -17.46 18.39 2.96
C ASN A 13 -18.56 17.47 3.42
N GLN A 14 -19.56 17.23 2.54
CA GLN A 14 -20.68 16.34 2.84
C GLN A 14 -20.22 14.88 2.84
N LYS A 15 -19.39 14.50 1.86
CA LYS A 15 -18.82 13.14 1.73
C LYS A 15 -18.00 12.77 2.99
N ALA A 16 -17.15 13.71 3.46
CA ALA A 16 -16.27 13.54 4.62
C ALA A 16 -17.08 13.46 5.92
N LYS A 17 -18.14 14.30 6.04
CA LYS A 17 -19.10 14.33 7.15
C LYS A 17 -19.79 12.98 7.25
N GLU A 18 -20.22 12.40 6.10
CA GLU A 18 -20.86 11.08 6.04
C GLU A 18 -19.87 9.99 6.45
N ALA A 19 -18.59 10.10 6.02
CA ALA A 19 -17.57 9.11 6.39
C ALA A 19 -17.26 9.18 7.90
N LEU A 20 -17.28 10.38 8.48
CA LEU A 20 -17.08 10.56 9.91
C LEU A 20 -18.24 9.93 10.68
N ASP A 21 -19.48 10.06 10.16
CA ASP A 21 -20.65 9.47 10.79
C ASP A 21 -20.54 7.95 10.80
N VAL A 22 -20.06 7.36 9.68
CA VAL A 22 -19.84 5.90 9.60
C VAL A 22 -18.76 5.49 10.63
N ALA A 23 -17.61 6.21 10.65
CA ALA A 23 -16.52 5.91 11.59
C ALA A 23 -16.92 6.01 13.08
N LYS A 24 -17.69 7.06 13.46
CA LYS A 24 -18.15 7.27 14.85
C LYS A 24 -19.12 6.20 15.32
N LYS A 25 -19.96 5.69 14.42
CA LYS A 25 -20.96 4.64 14.70
C LYS A 25 -20.41 3.21 14.57
N LEU A 26 -19.22 3.02 13.97
CA LEU A 26 -18.59 1.72 13.78
C LEU A 26 -18.36 0.97 15.09
N GLN A 27 -18.86 -0.27 15.16
CA GLN A 27 -18.72 -1.09 16.34
C GLN A 27 -17.99 -2.39 16.03
N PRO A 28 -17.09 -2.80 16.94
CA PRO A 28 -16.45 -4.12 16.77
C PRO A 28 -17.44 -5.26 17.16
N ILE A 29 -17.33 -6.46 16.55
CA ILE A 29 -18.18 -7.61 16.91
C ILE A 29 -17.30 -8.46 17.85
N GLN A 30 -17.68 -8.50 19.13
CA GLN A 30 -16.89 -9.11 20.21
C GLN A 30 -17.19 -10.58 20.54
N THR A 31 -17.73 -11.32 19.58
CA THR A 31 -18.02 -12.74 19.75
C THR A 31 -16.99 -13.53 18.92
N SER A 32 -17.05 -14.85 18.98
CA SER A 32 -16.25 -15.72 18.12
C SER A 32 -16.94 -15.74 16.74
N ALA A 33 -16.26 -16.32 15.73
CA ALA A 33 -16.85 -16.44 14.40
C ALA A 33 -17.18 -17.89 14.13
N LYS A 34 -18.39 -18.13 13.61
CA LYS A 34 -18.84 -19.46 13.22
C LYS A 34 -18.08 -19.83 11.94
N ASN A 35 -18.04 -18.89 10.95
CA ASN A 35 -17.39 -19.09 9.66
C ASN A 35 -16.15 -18.22 9.52
N LEU A 36 -15.15 -18.76 8.84
CA LEU A 36 -13.87 -18.08 8.60
C LEU A 36 -13.59 -18.10 7.14
N ILE A 37 -13.46 -16.92 6.53
CA ILE A 37 -13.24 -16.83 5.10
C ILE A 37 -12.01 -15.99 4.81
N LEU A 38 -11.11 -16.55 4.00
CA LEU A 38 -9.93 -15.81 3.58
C LEU A 38 -9.91 -15.70 2.04
N PHE A 39 -9.99 -14.46 1.54
CA PHE A 39 -9.88 -14.14 0.11
C PHE A 39 -8.45 -13.66 -0.11
N LEU A 40 -7.70 -14.36 -0.98
CA LEU A 40 -6.31 -14.03 -1.27
C LEU A 40 -6.15 -13.62 -2.72
N GLY A 41 -5.81 -12.36 -2.93
CA GLY A 41 -5.54 -11.84 -4.26
C GLY A 41 -4.06 -12.10 -4.51
N ASP A 42 -3.74 -13.15 -5.26
CA ASP A 42 -2.33 -13.49 -5.48
C ASP A 42 -1.61 -12.40 -6.30
N GLY A 43 -0.62 -11.78 -5.68
CA GLY A 43 0.15 -10.69 -6.29
C GLY A 43 -0.56 -9.36 -6.28
N MET A 44 -1.72 -9.26 -5.60
CA MET A 44 -2.58 -8.06 -5.54
C MET A 44 -2.12 -7.01 -4.50
N GLY A 45 -0.97 -6.39 -4.77
CA GLY A 45 -0.46 -5.34 -3.91
C GLY A 45 -1.32 -4.09 -4.02
N VAL A 46 -0.98 -3.07 -3.24
CA VAL A 46 -1.69 -1.78 -3.26
C VAL A 46 -1.79 -1.16 -4.69
N PRO A 47 -0.72 -1.15 -5.56
CA PRO A 47 -0.91 -0.61 -6.94
C PRO A 47 -1.99 -1.34 -7.74
N THR A 48 -2.05 -2.69 -7.62
CA THR A 48 -3.05 -3.52 -8.27
C THR A 48 -4.44 -3.15 -7.78
N VAL A 49 -4.63 -2.97 -6.45
CA VAL A 49 -5.93 -2.60 -5.86
C VAL A 49 -6.49 -1.32 -6.49
N THR A 50 -5.67 -0.25 -6.56
CA THR A 50 -6.11 1.02 -7.13
C THR A 50 -6.42 0.91 -8.60
N ALA A 51 -5.52 0.30 -9.40
CA ALA A 51 -5.70 0.11 -10.84
C ALA A 51 -6.98 -0.72 -11.13
N THR A 52 -7.28 -1.72 -10.27
CA THR A 52 -8.48 -2.56 -10.36
C THR A 52 -9.72 -1.71 -10.04
N ARG A 53 -9.58 -0.76 -9.08
CA ARG A 53 -10.69 0.11 -8.70
C ARG A 53 -11.09 0.98 -9.88
N ILE A 54 -10.10 1.56 -10.58
CA ILE A 54 -10.27 2.40 -11.74
C ILE A 54 -10.93 1.60 -12.87
N LEU A 55 -10.36 0.41 -13.16
CA LEU A 55 -10.89 -0.46 -14.21
C LEU A 55 -12.35 -0.88 -13.94
N LYS A 56 -12.63 -1.45 -12.74
CA LYS A 56 -13.98 -1.88 -12.39
C LYS A 56 -14.98 -0.71 -12.43
N GLY A 57 -14.56 0.47 -11.95
CA GLY A 57 -15.35 1.69 -11.96
C GLY A 57 -15.76 2.12 -13.36
N GLN A 58 -14.79 2.12 -14.30
CA GLN A 58 -14.97 2.49 -15.70
C GLN A 58 -15.80 1.46 -16.45
N LEU A 59 -15.67 0.15 -16.12
CA LEU A 59 -16.49 -0.89 -16.74
C LEU A 59 -17.95 -0.68 -16.37
N GLY A 60 -18.20 -0.14 -15.18
CA GLY A 60 -19.54 0.14 -14.67
C GLY A 60 -20.14 1.46 -15.10
N GLY A 61 -19.45 2.17 -16.00
CA GLY A 61 -19.89 3.47 -16.51
C GLY A 61 -19.47 4.68 -15.70
N HIS A 62 -18.56 4.51 -14.72
CA HIS A 62 -18.10 5.63 -13.89
C HIS A 62 -16.73 6.13 -14.32
N LEU A 63 -16.24 7.22 -13.69
CA LEU A 63 -14.93 7.79 -14.01
C LEU A 63 -13.79 6.88 -13.51
N GLY A 64 -14.05 6.13 -12.42
CA GLY A 64 -13.10 5.14 -11.91
C GLY A 64 -12.65 5.22 -10.48
N PRO A 65 -11.67 6.11 -10.17
CA PRO A 65 -11.08 6.12 -8.80
C PRO A 65 -12.01 6.42 -7.63
N GLU A 66 -13.14 7.07 -7.89
CA GLU A 66 -14.12 7.42 -6.88
C GLU A 66 -15.03 6.25 -6.51
N THR A 67 -15.15 5.26 -7.41
CA THR A 67 -16.06 4.12 -7.28
C THR A 67 -15.53 3.01 -6.37
N PRO A 68 -16.23 2.70 -5.27
CA PRO A 68 -15.73 1.67 -4.36
C PRO A 68 -15.78 0.25 -4.91
N LEU A 69 -14.76 -0.54 -4.54
CA LEU A 69 -14.66 -1.96 -4.84
C LEU A 69 -15.47 -2.63 -3.72
N ALA A 70 -15.82 -3.93 -3.87
CA ALA A 70 -16.52 -4.66 -2.80
C ALA A 70 -15.58 -4.66 -1.54
N MET A 71 -14.27 -4.86 -1.76
CA MET A 71 -13.25 -4.82 -0.70
C MET A 71 -13.11 -3.47 0.02
N ASP A 72 -13.42 -2.34 -0.66
CA ASP A 72 -13.34 -0.99 -0.08
C ASP A 72 -14.39 -0.75 0.99
N HIS A 73 -15.40 -1.64 1.09
CA HIS A 73 -16.47 -1.53 2.08
C HIS A 73 -16.14 -2.19 3.40
N PHE A 74 -15.01 -2.91 3.46
CA PHE A 74 -14.57 -3.62 4.68
C PHE A 74 -14.17 -2.59 5.75
N PRO A 75 -14.72 -2.68 6.98
CA PRO A 75 -14.45 -1.62 7.98
C PRO A 75 -13.02 -1.52 8.53
N PHE A 76 -12.31 -2.67 8.68
CA PHE A 76 -10.97 -2.71 9.28
C PHE A 76 -9.84 -3.02 8.29
N THR A 77 -8.79 -2.20 8.34
CA THR A 77 -7.61 -2.21 7.46
C THR A 77 -6.31 -2.34 8.27
N ALA A 78 -5.31 -3.00 7.68
CA ALA A 78 -3.96 -3.10 8.23
C ALA A 78 -2.99 -3.34 7.11
N LEU A 79 -1.69 -3.16 7.39
CA LEU A 79 -0.62 -3.46 6.46
C LEU A 79 0.01 -4.79 6.91
N SER A 80 0.42 -5.61 5.92
CA SER A 80 1.00 -6.91 6.16
C SER A 80 2.43 -6.94 5.63
N LYS A 81 3.40 -7.32 6.48
CA LYS A 81 4.83 -7.44 6.13
C LYS A 81 5.06 -8.84 5.60
N THR A 82 5.37 -8.96 4.30
CA THR A 82 5.42 -10.20 3.53
C THR A 82 6.72 -11.03 3.46
N TYR A 83 7.83 -10.48 3.88
CA TYR A 83 9.13 -11.15 3.78
C TYR A 83 9.13 -12.61 4.21
N ASN A 84 9.85 -13.45 3.46
CA ASN A 84 10.08 -14.84 3.84
C ASN A 84 11.26 -14.79 4.81
N VAL A 85 11.43 -15.84 5.63
CA VAL A 85 12.54 -15.90 6.57
C VAL A 85 13.90 -15.68 5.85
N ASP A 86 14.10 -16.35 4.70
CA ASP A 86 15.35 -16.31 3.91
C ASP A 86 15.37 -15.28 2.77
N ARG A 87 14.21 -14.78 2.32
CA ARG A 87 14.15 -13.82 1.21
C ARG A 87 13.27 -12.65 1.53
N GLN A 88 13.80 -11.42 1.42
CA GLN A 88 13.02 -10.19 1.66
C GLN A 88 12.03 -9.86 0.54
N VAL A 89 12.26 -10.36 -0.69
CA VAL A 89 11.29 -10.27 -1.79
C VAL A 89 10.75 -11.72 -1.88
N PRO A 90 9.51 -11.96 -1.39
CA PRO A 90 9.04 -13.35 -1.24
C PRO A 90 8.41 -14.04 -2.45
N ASP A 91 8.14 -15.34 -2.30
CA ASP A 91 7.43 -16.17 -3.27
C ASP A 91 6.03 -16.53 -2.72
N SER A 92 5.22 -17.27 -3.52
CA SER A 92 3.86 -17.69 -3.14
C SER A 92 3.86 -18.79 -2.08
N ALA A 93 4.84 -19.70 -2.10
CA ALA A 93 4.91 -20.84 -1.17
C ALA A 93 5.23 -20.42 0.25
N GLY A 94 6.34 -19.66 0.42
CA GLY A 94 6.76 -19.16 1.72
C GLY A 94 5.70 -18.28 2.37
N THR A 95 5.06 -17.41 1.57
CA THR A 95 3.98 -16.55 2.08
C THR A 95 2.77 -17.39 2.49
N ALA A 96 2.39 -18.41 1.69
CA ALA A 96 1.27 -19.31 1.99
C ALA A 96 1.38 -19.92 3.41
N THR A 97 2.58 -20.35 3.81
CA THR A 97 2.81 -20.88 5.15
C THR A 97 2.51 -19.83 6.22
N ALA A 98 2.87 -18.56 5.97
CA ALA A 98 2.61 -17.50 6.93
C ALA A 98 1.12 -17.21 7.15
N TYR A 99 0.37 -16.81 6.11
CA TYR A 99 -1.06 -16.49 6.31
C TYR A 99 -2.01 -17.69 6.49
N LEU A 100 -1.56 -18.91 6.15
CA LEU A 100 -2.37 -20.13 6.29
C LEU A 100 -2.03 -21.01 7.46
N CYS A 101 -0.75 -20.99 7.90
CA CYS A 101 -0.26 -21.78 9.04
C CYS A 101 0.09 -20.94 10.26
N GLY A 102 0.43 -19.66 10.05
CA GLY A 102 0.76 -18.77 11.16
C GLY A 102 2.21 -18.80 11.56
N VAL A 103 3.07 -19.33 10.68
CA VAL A 103 4.51 -19.46 10.86
C VAL A 103 5.19 -18.96 9.59
N LYS A 104 6.18 -18.05 9.72
CA LYS A 104 6.92 -17.60 8.55
C LYS A 104 7.90 -18.69 8.12
N ALA A 105 8.15 -18.77 6.82
CA ALA A 105 8.95 -19.88 6.33
C ALA A 105 9.91 -19.45 5.22
N ASN A 106 10.62 -20.45 4.67
CA ASN A 106 11.57 -20.25 3.62
C ASN A 106 10.93 -20.33 2.27
N TYR A 107 11.43 -19.48 1.37
CA TYR A 107 11.14 -19.34 -0.05
C TYR A 107 11.05 -20.75 -0.73
N LYS A 108 9.95 -20.99 -1.48
CA LYS A 108 9.67 -22.24 -2.24
C LYS A 108 9.25 -23.49 -1.46
N THR A 109 9.04 -23.36 -0.13
CA THR A 109 8.60 -24.49 0.72
C THR A 109 7.18 -24.20 1.21
N ILE A 110 6.38 -25.26 1.49
CA ILE A 110 4.98 -25.13 1.94
C ILE A 110 4.71 -25.94 3.23
N GLY A 111 3.98 -25.36 4.18
CA GLY A 111 3.58 -26.02 5.42
C GLY A 111 4.69 -26.62 6.26
N VAL A 112 5.87 -26.01 6.19
CA VAL A 112 7.05 -26.43 6.97
C VAL A 112 7.68 -25.18 7.61
N SER A 113 8.28 -25.32 8.80
CA SER A 113 8.98 -24.21 9.44
C SER A 113 10.26 -23.85 8.64
N ALA A 114 10.91 -22.71 9.00
CA ALA A 114 12.15 -22.32 8.32
C ALA A 114 13.36 -23.19 8.73
N ALA A 115 13.14 -24.23 9.58
CA ALA A 115 14.16 -25.24 9.94
C ALA A 115 14.36 -26.17 8.73
N ALA A 116 13.33 -26.26 7.88
CA ALA A 116 13.38 -27.06 6.66
C ALA A 116 14.23 -26.35 5.60
N ARG A 117 14.69 -27.10 4.61
CA ARG A 117 15.51 -26.54 3.55
C ARG A 117 14.93 -26.91 2.23
N PHE A 118 14.85 -25.93 1.33
CA PHE A 118 14.32 -26.11 -0.03
C PHE A 118 14.98 -27.31 -0.73
N ASN A 119 14.14 -28.16 -1.36
CA ASN A 119 14.56 -29.34 -2.13
C ASN A 119 15.38 -30.40 -1.35
N GLN A 120 15.30 -30.39 -0.02
CA GLN A 120 15.96 -31.36 0.86
C GLN A 120 14.84 -32.11 1.58
N CYS A 121 14.36 -33.21 0.96
CA CYS A 121 13.27 -34.04 1.46
C CYS A 121 13.37 -34.43 2.94
N ASN A 122 14.58 -34.80 3.41
CA ASN A 122 14.78 -35.17 4.82
C ASN A 122 14.50 -34.07 5.83
N SER A 123 14.66 -32.79 5.43
CA SER A 123 14.41 -31.63 6.31
C SER A 123 12.90 -31.39 6.60
N THR A 124 11.99 -32.14 5.90
CA THR A 124 10.53 -32.02 6.11
C THR A 124 10.12 -32.51 7.51
N PHE A 125 10.55 -33.74 7.85
CA PHE A 125 10.18 -34.51 9.03
C PHE A 125 10.53 -33.89 10.36
N GLY A 126 9.49 -33.60 11.14
CA GLY A 126 9.57 -32.91 12.41
C GLY A 126 9.40 -31.41 12.26
N ASN A 127 9.43 -30.89 11.01
CA ASN A 127 9.34 -29.47 10.73
C ASN A 127 8.00 -29.01 10.13
N GLU A 128 7.02 -29.92 10.05
CA GLU A 128 5.70 -29.62 9.49
C GLU A 128 4.97 -28.66 10.41
N VAL A 129 4.23 -27.72 9.83
CA VAL A 129 3.36 -26.79 10.56
C VAL A 129 1.94 -26.98 10.04
N PHE A 130 0.95 -26.84 10.89
CA PHE A 130 -0.43 -27.13 10.52
C PHE A 130 -1.28 -25.92 10.28
N SER A 131 -2.03 -25.98 9.18
CA SER A 131 -2.89 -24.88 8.77
C SER A 131 -4.09 -24.66 9.69
N VAL A 132 -4.64 -23.44 9.62
CA VAL A 132 -5.86 -23.03 10.31
C VAL A 132 -6.98 -23.90 9.73
N MET A 133 -6.92 -24.21 8.40
CA MET A 133 -7.93 -25.07 7.78
C MET A 133 -7.91 -26.48 8.40
N HIS A 134 -6.69 -27.06 8.60
CA HIS A 134 -6.52 -28.37 9.24
C HIS A 134 -7.14 -28.31 10.65
N ARG A 135 -6.81 -27.26 11.42
CA ARG A 135 -7.31 -27.03 12.77
C ARG A 135 -8.82 -26.77 12.82
N ALA A 136 -9.41 -26.14 11.77
CA ALA A 136 -10.85 -25.89 11.63
C ALA A 136 -11.56 -27.24 11.47
N LYS A 137 -10.98 -28.12 10.64
CA LYS A 137 -11.49 -29.46 10.41
C LYS A 137 -11.50 -30.28 11.74
N LYS A 138 -10.39 -30.26 12.50
CA LYS A 138 -10.27 -30.97 13.79
C LYS A 138 -11.37 -30.52 14.77
N ALA A 139 -11.79 -29.25 14.70
CA ALA A 139 -12.83 -28.69 15.54
C ALA A 139 -14.26 -29.01 15.03
N GLY A 140 -14.38 -29.76 13.94
CA GLY A 140 -15.67 -30.15 13.37
C GLY A 140 -16.26 -29.21 12.32
N LYS A 141 -15.50 -28.19 11.89
CA LYS A 141 -16.00 -27.28 10.85
C LYS A 141 -15.84 -27.93 9.49
N SER A 142 -16.62 -27.46 8.49
CA SER A 142 -16.47 -27.93 7.11
C SER A 142 -15.37 -27.07 6.49
N VAL A 143 -14.57 -27.62 5.57
CA VAL A 143 -13.45 -26.88 4.98
C VAL A 143 -13.47 -26.84 3.44
N GLY A 144 -13.08 -25.70 2.88
CA GLY A 144 -13.12 -25.50 1.44
C GLY A 144 -11.94 -24.73 0.88
N VAL A 145 -11.52 -25.11 -0.33
CA VAL A 145 -10.40 -24.51 -1.09
C VAL A 145 -10.92 -24.18 -2.50
N VAL A 146 -10.90 -22.90 -2.86
CA VAL A 146 -11.34 -22.41 -4.16
C VAL A 146 -10.21 -21.59 -4.77
N THR A 147 -9.80 -21.94 -6.00
CA THR A 147 -8.74 -21.21 -6.71
C THR A 147 -8.93 -21.21 -8.23
N THR A 148 -8.26 -20.27 -8.92
CA THR A 148 -8.29 -20.16 -10.37
C THR A 148 -7.03 -20.81 -10.98
N THR A 149 -6.10 -21.25 -10.14
CA THR A 149 -4.92 -21.95 -10.62
C THR A 149 -5.18 -23.43 -10.35
N ARG A 150 -4.18 -24.29 -10.62
CA ARG A 150 -4.30 -25.70 -10.26
C ARG A 150 -4.47 -25.76 -8.71
N VAL A 151 -5.25 -26.70 -8.22
CA VAL A 151 -5.48 -26.84 -6.77
C VAL A 151 -4.22 -27.29 -6.00
N GLN A 152 -3.18 -27.70 -6.74
CA GLN A 152 -1.90 -28.17 -6.23
C GLN A 152 -0.86 -27.03 -6.23
N HIS A 153 -1.27 -25.80 -6.59
CA HIS A 153 -0.38 -24.63 -6.59
C HIS A 153 -0.06 -24.20 -5.15
N ALA A 154 1.03 -23.43 -4.99
CA ALA A 154 1.55 -23.02 -3.67
C ALA A 154 0.55 -22.46 -2.69
N SER A 155 -0.27 -21.49 -3.12
CA SER A 155 -1.27 -20.86 -2.23
C SER A 155 -2.32 -21.87 -1.73
N PRO A 156 -3.13 -22.54 -2.59
CA PRO A 156 -4.09 -23.53 -2.06
C PRO A 156 -3.38 -24.68 -1.32
N ALA A 157 -2.18 -25.12 -1.79
CA ALA A 157 -1.42 -26.20 -1.14
C ALA A 157 -1.07 -25.87 0.32
N GLY A 158 -0.93 -24.58 0.66
CA GLY A 158 -0.64 -24.13 2.01
C GLY A 158 -1.68 -24.52 3.04
N THR A 159 -2.93 -24.78 2.59
CA THR A 159 -4.01 -25.18 3.49
C THR A 159 -3.91 -26.65 3.89
N TYR A 160 -3.18 -27.48 3.12
CA TYR A 160 -3.14 -28.94 3.39
C TYR A 160 -1.80 -29.65 3.33
N ALA A 161 -0.87 -29.13 2.52
CA ALA A 161 0.42 -29.77 2.23
C ALA A 161 1.61 -29.33 3.06
N HIS A 162 2.61 -30.23 3.13
CA HIS A 162 3.90 -30.07 3.79
C HIS A 162 4.95 -30.52 2.79
N THR A 163 5.62 -29.57 2.12
CA THR A 163 6.63 -29.88 1.10
C THR A 163 7.80 -28.89 1.12
N VAL A 164 9.01 -29.38 0.84
CA VAL A 164 10.23 -28.58 0.77
C VAL A 164 10.45 -28.12 -0.67
N ASN A 165 9.57 -28.53 -1.60
CA ASN A 165 9.66 -28.09 -2.99
C ASN A 165 8.27 -27.93 -3.60
N ARG A 166 7.86 -26.67 -3.83
CA ARG A 166 6.54 -26.31 -4.39
C ARG A 166 6.31 -26.83 -5.81
N ASP A 167 7.36 -27.27 -6.52
CA ASP A 167 7.25 -27.78 -7.90
C ASP A 167 6.83 -29.25 -7.98
N TRP A 168 6.64 -29.91 -6.82
CA TRP A 168 6.30 -31.33 -6.74
C TRP A 168 4.78 -31.60 -6.82
N TYR A 169 4.16 -31.21 -7.95
CA TYR A 169 2.71 -31.32 -8.19
C TYR A 169 2.24 -32.76 -8.24
N SER A 170 2.95 -33.61 -8.97
CA SER A 170 2.67 -35.04 -9.10
C SER A 170 4.00 -35.75 -8.87
N ASP A 171 3.97 -37.10 -8.84
CA ASP A 171 5.14 -37.97 -8.66
C ASP A 171 6.08 -37.86 -9.86
N ALA A 172 5.55 -37.48 -11.04
CA ALA A 172 6.32 -37.25 -12.27
C ALA A 172 7.32 -36.06 -12.13
N ASP A 173 7.03 -35.11 -11.22
CA ASP A 173 7.86 -33.95 -10.96
C ASP A 173 8.95 -34.21 -9.91
N MET A 174 8.92 -35.36 -9.26
CA MET A 174 9.82 -35.67 -8.17
C MET A 174 11.05 -36.50 -8.50
N PRO A 175 12.21 -36.17 -7.88
CA PRO A 175 13.39 -37.04 -8.06
C PRO A 175 13.13 -38.34 -7.29
N SER A 176 13.76 -39.44 -7.74
CA SER A 176 13.60 -40.78 -7.15
C SER A 176 14.01 -40.82 -5.68
N SER A 177 15.06 -40.06 -5.31
CA SER A 177 15.57 -39.97 -3.93
C SER A 177 14.52 -39.44 -2.98
N ALA A 178 13.72 -38.42 -3.41
CA ALA A 178 12.66 -37.80 -2.59
C ALA A 178 11.50 -38.78 -2.41
N LEU A 179 11.13 -39.51 -3.47
CA LEU A 179 10.07 -40.53 -3.43
C LEU A 179 10.45 -41.64 -2.45
N GLN A 180 11.72 -42.12 -2.52
CA GLN A 180 12.29 -43.15 -1.64
C GLN A 180 12.44 -42.68 -0.18
N GLU A 181 12.81 -41.40 0.05
CA GLU A 181 12.96 -40.83 1.41
C GLU A 181 11.62 -40.59 2.13
N GLY A 182 10.51 -40.82 1.43
CA GLY A 182 9.16 -40.70 1.99
C GLY A 182 8.36 -39.45 1.69
N CYS A 183 8.87 -38.57 0.80
CA CYS A 183 8.15 -37.36 0.42
C CYS A 183 7.01 -37.66 -0.52
N LYS A 184 5.92 -36.93 -0.36
CA LYS A 184 4.72 -37.11 -1.16
C LYS A 184 4.47 -35.89 -2.04
N ASP A 185 4.05 -36.14 -3.26
CA ASP A 185 3.69 -35.11 -4.22
C ASP A 185 2.43 -34.38 -3.71
N ILE A 186 2.27 -33.09 -4.07
CA ILE A 186 1.16 -32.23 -3.63
C ILE A 186 -0.23 -32.83 -3.93
N ALA A 187 -0.43 -33.35 -5.15
CA ALA A 187 -1.68 -33.99 -5.56
C ALA A 187 -2.11 -35.11 -4.61
N THR A 188 -1.15 -35.93 -4.14
CA THR A 188 -1.41 -37.02 -3.18
C THR A 188 -1.77 -36.44 -1.80
N GLN A 189 -1.04 -35.41 -1.35
CA GLN A 189 -1.28 -34.74 -0.07
C GLN A 189 -2.68 -34.12 -0.01
N LEU A 190 -3.17 -33.67 -1.17
CA LEU A 190 -4.49 -33.08 -1.36
C LEU A 190 -5.61 -34.00 -0.90
N ILE A 191 -5.51 -35.29 -1.25
CA ILE A 191 -6.52 -36.30 -0.94
C ILE A 191 -6.22 -37.06 0.35
N SER A 192 -4.96 -37.05 0.82
CA SER A 192 -4.66 -37.87 1.99
C SER A 192 -4.36 -37.24 3.33
N ASN A 193 -3.79 -36.02 3.38
CA ASN A 193 -3.43 -35.41 4.66
C ASN A 193 -4.61 -35.14 5.56
N MET A 194 -5.72 -34.67 4.98
CA MET A 194 -6.91 -34.29 5.73
C MET A 194 -8.14 -34.41 4.87
N ASP A 195 -9.30 -34.29 5.52
CA ASP A 195 -10.60 -34.31 4.88
C ASP A 195 -10.91 -32.89 4.41
N ILE A 196 -11.06 -32.70 3.09
CA ILE A 196 -11.43 -31.41 2.53
C ILE A 196 -12.82 -31.58 1.89
N ASP A 197 -13.81 -30.81 2.35
CA ASP A 197 -15.21 -30.92 1.88
C ASP A 197 -15.40 -30.39 0.48
N VAL A 198 -14.79 -29.24 0.18
CA VAL A 198 -14.89 -28.60 -1.13
C VAL A 198 -13.51 -28.26 -1.69
N ILE A 199 -13.21 -28.76 -2.91
CA ILE A 199 -11.98 -28.49 -3.67
C ILE A 199 -12.42 -28.01 -5.03
N LEU A 200 -12.15 -26.74 -5.36
CA LEU A 200 -12.57 -26.19 -6.65
C LEU A 200 -11.44 -25.40 -7.30
N GLY A 201 -11.18 -25.70 -8.56
CA GLY A 201 -10.14 -25.02 -9.35
C GLY A 201 -9.65 -25.88 -10.48
N GLY A 202 -8.39 -25.73 -10.87
CA GLY A 202 -7.82 -26.53 -11.94
C GLY A 202 -6.95 -27.65 -11.41
N GLY A 203 -6.14 -28.26 -12.27
CA GLY A 203 -5.21 -29.31 -11.84
C GLY A 203 -5.64 -30.75 -12.04
N ARG A 204 -6.46 -31.04 -13.07
CA ARG A 204 -6.88 -32.41 -13.41
C ARG A 204 -5.70 -33.33 -13.72
N LYS A 205 -4.75 -32.92 -14.59
CA LYS A 205 -3.66 -33.81 -15.03
C LYS A 205 -2.80 -34.48 -13.98
N PHE A 206 -2.62 -33.85 -12.82
CA PHE A 206 -1.81 -34.35 -11.72
C PHE A 206 -2.55 -35.40 -10.86
N MET A 207 -3.83 -35.65 -11.16
CA MET A 207 -4.71 -36.55 -10.40
C MET A 207 -4.94 -37.89 -11.10
N PHE A 208 -4.58 -37.98 -12.39
CA PHE A 208 -4.88 -39.17 -13.21
C PHE A 208 -3.68 -39.91 -13.75
N PRO A 209 -3.76 -41.24 -13.95
CA PRO A 209 -2.59 -41.99 -14.48
C PRO A 209 -2.07 -41.47 -15.84
N LYS A 210 -0.78 -41.72 -16.13
CA LYS A 210 -0.16 -41.30 -17.40
C LYS A 210 -0.99 -41.72 -18.62
N GLY A 211 -1.32 -40.76 -19.47
CA GLY A 211 -2.08 -40.98 -20.68
C GLY A 211 -3.58 -40.92 -20.60
N THR A 212 -4.15 -40.77 -19.39
CA THR A 212 -5.62 -40.69 -19.21
C THR A 212 -6.08 -39.46 -20.00
N PRO A 213 -6.93 -39.63 -21.04
CA PRO A 213 -7.36 -38.45 -21.82
C PRO A 213 -8.12 -37.47 -20.95
N ASP A 214 -7.85 -36.17 -21.18
CA ASP A 214 -8.51 -35.10 -20.47
C ASP A 214 -9.95 -35.03 -20.99
N PRO A 215 -10.96 -34.85 -20.12
CA PRO A 215 -12.34 -34.82 -20.62
C PRO A 215 -12.64 -33.68 -21.58
N GLU A 216 -11.90 -32.57 -21.47
CA GLU A 216 -12.11 -31.41 -22.35
C GLU A 216 -11.20 -31.39 -23.60
N TYR A 217 -9.99 -31.94 -23.50
CA TYR A 217 -9.00 -32.00 -24.58
C TYR A 217 -8.53 -33.46 -24.79
N PRO A 218 -9.42 -34.41 -25.18
CA PRO A 218 -8.96 -35.82 -25.31
C PRO A 218 -7.88 -36.11 -26.35
N GLY A 219 -7.86 -35.32 -27.42
CA GLY A 219 -6.89 -35.48 -28.49
C GLY A 219 -5.53 -34.85 -28.27
N ASP A 220 -5.34 -34.12 -27.15
CA ASP A 220 -4.08 -33.47 -26.84
C ASP A 220 -3.33 -34.20 -25.73
N SER A 221 -2.23 -34.86 -26.10
CA SER A 221 -1.34 -35.64 -25.21
C SER A 221 -0.72 -34.78 -24.10
N ASP A 222 -0.60 -33.46 -24.35
CA ASP A 222 -0.03 -32.50 -23.39
C ASP A 222 -1.02 -32.17 -22.28
N GLN A 223 -2.31 -32.54 -22.44
CA GLN A 223 -3.35 -32.31 -21.45
C GLN A 223 -3.69 -33.57 -20.64
N SER A 224 -3.16 -34.73 -21.09
CA SER A 224 -3.41 -36.04 -20.47
C SER A 224 -2.88 -36.16 -19.06
N GLY A 225 -3.40 -37.12 -18.33
CA GLY A 225 -2.93 -37.46 -16.98
C GLY A 225 -1.42 -37.69 -17.04
N VAL A 226 -0.71 -37.37 -15.96
CA VAL A 226 0.75 -37.48 -15.96
C VAL A 226 1.30 -38.47 -14.91
N ARG A 227 0.47 -38.91 -13.97
CA ARG A 227 0.90 -39.78 -12.87
C ARG A 227 1.63 -41.01 -13.31
N LEU A 228 2.74 -41.30 -12.62
CA LEU A 228 3.63 -42.43 -12.90
C LEU A 228 3.26 -43.67 -12.04
N ASP A 229 2.54 -43.46 -10.92
CA ASP A 229 2.14 -44.53 -10.00
C ASP A 229 0.80 -45.17 -10.39
N SER A 230 0.20 -44.73 -11.52
CA SER A 230 -1.08 -45.22 -12.05
C SER A 230 -2.29 -45.03 -11.11
N ARG A 231 -2.15 -44.18 -10.07
CA ARG A 231 -3.23 -43.93 -9.14
C ARG A 231 -4.21 -42.91 -9.71
N ASN A 232 -5.49 -43.13 -9.45
CA ASN A 232 -6.53 -42.19 -9.83
C ASN A 232 -6.88 -41.53 -8.52
N LEU A 233 -6.26 -40.37 -8.27
CA LEU A 233 -6.45 -39.62 -7.02
C LEU A 233 -7.86 -39.04 -6.80
N VAL A 234 -8.60 -38.84 -7.89
CA VAL A 234 -9.98 -38.39 -7.85
C VAL A 234 -10.84 -39.55 -7.27
N GLU A 235 -10.67 -40.77 -7.84
CA GLU A 235 -11.35 -41.98 -7.39
C GLU A 235 -11.08 -42.22 -5.91
N GLU A 236 -9.80 -42.14 -5.50
CA GLU A 236 -9.42 -42.35 -4.11
C GLU A 236 -10.06 -41.32 -3.17
N TRP A 237 -10.21 -40.07 -3.62
CA TRP A 237 -10.84 -39.03 -2.82
C TRP A 237 -12.35 -39.29 -2.68
N LEU A 238 -13.03 -39.71 -3.79
CA LEU A 238 -14.46 -40.00 -3.81
C LEU A 238 -14.82 -41.11 -2.81
N ALA A 239 -13.98 -42.16 -2.76
CA ALA A 239 -14.12 -43.35 -1.92
C ALA A 239 -13.95 -43.10 -0.41
N LYS A 240 -13.39 -41.96 -0.02
CA LYS A 240 -13.17 -41.62 1.40
C LYS A 240 -14.47 -41.48 2.22
N TYR A 241 -15.54 -40.95 1.64
CA TYR A 241 -16.79 -40.69 2.35
C TYR A 241 -17.97 -40.87 1.43
N GLN A 242 -19.15 -41.11 2.02
CA GLN A 242 -20.42 -41.14 1.31
C GLN A 242 -20.78 -39.69 0.98
N GLY A 243 -21.40 -39.46 -0.18
CA GLY A 243 -21.86 -38.14 -0.60
C GLY A 243 -20.87 -37.26 -1.36
N THR A 244 -19.75 -37.85 -1.79
CA THR A 244 -18.71 -37.12 -2.54
C THR A 244 -19.11 -37.08 -3.98
N ARG A 245 -18.71 -36.02 -4.68
CA ARG A 245 -19.00 -35.84 -6.11
C ARG A 245 -17.81 -35.17 -6.80
N TYR A 246 -17.51 -35.61 -8.04
CA TYR A 246 -16.48 -35.04 -8.89
C TYR A 246 -17.10 -34.44 -10.14
N VAL A 247 -16.73 -33.18 -10.44
CA VAL A 247 -17.19 -32.43 -11.60
C VAL A 247 -15.97 -31.87 -12.35
N TRP A 248 -16.08 -31.69 -13.66
CA TRP A 248 -14.98 -31.14 -14.47
C TRP A 248 -15.45 -30.04 -15.40
N ASN A 249 -16.75 -29.69 -15.32
CA ASN A 249 -17.32 -28.59 -16.11
C ASN A 249 -18.39 -27.84 -15.34
N ARG A 250 -18.78 -26.66 -15.86
CA ARG A 250 -19.78 -25.75 -15.27
C ARG A 250 -21.18 -26.39 -15.11
N GLU A 251 -21.72 -27.07 -16.15
CA GLU A 251 -23.04 -27.73 -16.07
C GLU A 251 -23.11 -28.78 -14.92
N GLN A 252 -22.06 -29.60 -14.79
CA GLN A 252 -21.94 -30.60 -13.71
C GLN A 252 -21.86 -29.92 -12.35
N LEU A 253 -21.14 -28.76 -12.28
CA LEU A 253 -21.00 -27.98 -11.05
C LEU A 253 -22.36 -27.43 -10.57
N MET A 254 -23.12 -26.79 -11.49
CA MET A 254 -24.44 -26.25 -11.20
C MET A 254 -25.41 -27.34 -10.73
N GLN A 255 -25.38 -28.51 -11.39
CA GLN A 255 -26.23 -29.65 -11.02
C GLN A 255 -25.83 -30.17 -9.63
N ALA A 256 -24.51 -30.26 -9.35
CA ALA A 256 -23.97 -30.73 -8.07
C ALA A 256 -24.39 -29.81 -6.92
N SER A 257 -24.31 -28.50 -7.15
CA SER A 257 -24.72 -27.45 -6.21
C SER A 257 -26.16 -27.61 -5.71
N GLN A 258 -27.08 -28.10 -6.57
CA GLN A 258 -28.49 -28.28 -6.25
C GLN A 258 -28.84 -29.69 -5.76
N ASP A 259 -27.92 -30.65 -5.96
CA ASP A 259 -28.12 -32.05 -5.60
C ASP A 259 -28.02 -32.26 -4.07
N PRO A 260 -29.10 -32.71 -3.41
CA PRO A 260 -29.04 -32.93 -1.95
C PRO A 260 -28.19 -34.14 -1.52
N ALA A 261 -27.93 -35.07 -2.43
CA ALA A 261 -27.06 -36.23 -2.18
C ALA A 261 -25.55 -35.85 -2.13
N VAL A 262 -25.21 -34.65 -2.63
CA VAL A 262 -23.84 -34.16 -2.65
C VAL A 262 -23.56 -33.37 -1.37
N THR A 263 -22.57 -33.82 -0.59
CA THR A 263 -22.15 -33.13 0.64
C THR A 263 -20.69 -32.71 0.57
N ARG A 264 -19.87 -33.41 -0.26
CA ARG A 264 -18.47 -33.10 -0.53
C ARG A 264 -18.30 -32.99 -2.03
N LEU A 265 -17.55 -31.96 -2.49
CA LEU A 265 -17.41 -31.74 -3.89
C LEU A 265 -16.00 -31.42 -4.32
N MET A 266 -15.52 -32.11 -5.35
CA MET A 266 -14.25 -31.83 -6.00
C MET A 266 -14.56 -31.42 -7.45
N GLY A 267 -14.17 -30.22 -7.82
CA GLY A 267 -14.38 -29.69 -9.17
C GLY A 267 -13.06 -29.24 -9.76
N LEU A 268 -12.57 -29.94 -10.80
CA LEU A 268 -11.30 -29.66 -11.48
C LEU A 268 -11.60 -29.30 -12.92
N PHE A 269 -11.50 -28.01 -13.23
CA PHE A 269 -11.97 -27.42 -14.46
C PHE A 269 -11.00 -27.25 -15.62
N GLU A 270 -9.74 -27.61 -15.43
CA GLU A 270 -8.72 -27.53 -16.50
C GLU A 270 -7.59 -28.52 -16.22
N PRO A 271 -6.79 -28.91 -17.25
CA PRO A 271 -5.65 -29.79 -16.98
C PRO A 271 -4.72 -29.18 -15.93
N THR A 272 -4.41 -27.87 -16.06
CA THR A 272 -3.59 -27.11 -15.09
C THR A 272 -4.39 -25.89 -14.59
N GLU A 273 -3.93 -24.65 -14.84
CA GLU A 273 -4.61 -23.41 -14.44
C GLU A 273 -5.88 -23.24 -15.20
N MET A 274 -6.86 -22.58 -14.59
CA MET A 274 -8.11 -22.25 -15.25
C MET A 274 -7.81 -21.13 -16.25
N LYS A 275 -8.58 -21.04 -17.32
CA LYS A 275 -8.39 -19.99 -18.30
C LYS A 275 -8.56 -18.63 -17.63
N TYR A 276 -7.86 -17.60 -18.16
CA TYR A 276 -8.07 -16.23 -17.67
C TYR A 276 -9.53 -15.92 -17.94
N ASP A 277 -10.21 -15.20 -17.02
CA ASP A 277 -11.62 -14.87 -17.15
C ASP A 277 -12.05 -14.32 -18.51
N VAL A 278 -11.22 -13.46 -19.11
CA VAL A 278 -11.51 -12.88 -20.42
C VAL A 278 -11.47 -13.91 -21.58
N ASN A 279 -10.85 -15.09 -21.34
CA ASN A 279 -10.72 -16.19 -22.31
C ASN A 279 -11.61 -17.37 -21.94
N ARG A 280 -12.34 -17.24 -20.84
CA ARG A 280 -13.22 -18.27 -20.28
C ARG A 280 -14.30 -18.70 -21.24
N ASN A 281 -14.53 -20.00 -21.25
CA ASN A 281 -15.60 -20.60 -22.01
C ASN A 281 -16.83 -20.59 -21.10
N ALA A 282 -17.71 -19.59 -21.25
CA ALA A 282 -18.86 -19.41 -20.36
C ALA A 282 -19.82 -20.59 -20.23
N SER A 283 -19.86 -21.49 -21.22
CA SER A 283 -20.74 -22.67 -21.14
C SER A 283 -20.02 -23.84 -20.44
N ALA A 284 -18.68 -23.95 -20.64
CA ALA A 284 -17.86 -25.01 -20.04
C ALA A 284 -17.20 -24.65 -18.70
N ASP A 285 -16.71 -23.42 -18.55
CA ASP A 285 -15.94 -22.98 -17.36
C ASP A 285 -16.68 -22.12 -16.38
N PRO A 286 -16.67 -22.48 -15.09
CA PRO A 286 -17.31 -21.61 -14.10
C PRO A 286 -16.42 -20.40 -13.79
N SER A 287 -17.02 -19.25 -13.39
CA SER A 287 -16.26 -18.07 -13.01
C SER A 287 -15.82 -18.25 -11.57
N LEU A 288 -14.91 -17.40 -11.09
CA LEU A 288 -14.51 -17.46 -9.70
C LEU A 288 -15.70 -17.17 -8.77
N ALA A 289 -16.56 -16.21 -9.11
CA ALA A 289 -17.72 -15.88 -8.30
C ALA A 289 -18.72 -17.04 -8.23
N GLU A 290 -18.88 -17.80 -9.33
CA GLU A 290 -19.75 -19.00 -9.36
C GLU A 290 -19.19 -20.09 -8.47
N MET A 291 -17.88 -20.32 -8.52
CA MET A 291 -17.22 -21.34 -7.68
C MET A 291 -17.36 -20.99 -6.21
N THR A 292 -17.22 -19.68 -5.88
CA THR A 292 -17.37 -19.23 -4.49
C THR A 292 -18.76 -19.37 -4.00
N GLU A 293 -19.76 -19.12 -4.88
CA GLU A 293 -21.16 -19.32 -4.49
C GLU A 293 -21.44 -20.77 -4.16
N VAL A 294 -21.01 -21.72 -5.04
CA VAL A 294 -21.23 -23.16 -4.83
C VAL A 294 -20.52 -23.60 -3.55
N ALA A 295 -19.26 -23.14 -3.35
CA ALA A 295 -18.50 -23.48 -2.14
C ALA A 295 -19.21 -23.03 -0.87
N VAL A 296 -19.68 -21.75 -0.80
CA VAL A 296 -20.39 -21.23 0.36
C VAL A 296 -21.70 -22.03 0.61
N ARG A 297 -22.49 -22.29 -0.45
CA ARG A 297 -23.75 -23.05 -0.34
C ARG A 297 -23.55 -24.44 0.27
N LEU A 298 -22.51 -25.16 -0.18
CA LEU A 298 -22.20 -26.49 0.32
C LEU A 298 -21.66 -26.49 1.73
N LEU A 299 -20.72 -25.57 2.02
CA LEU A 299 -20.06 -25.48 3.32
C LEU A 299 -20.99 -24.97 4.43
N SER A 300 -21.96 -24.15 4.06
CA SER A 300 -22.98 -23.54 4.93
C SER A 300 -23.89 -24.53 5.62
N ARG A 301 -23.99 -25.75 5.06
CA ARG A 301 -24.90 -26.79 5.55
C ARG A 301 -24.50 -27.33 6.89
N ASN A 302 -23.17 -27.27 7.20
CA ASN A 302 -22.63 -27.77 8.47
C ASN A 302 -22.93 -26.69 9.54
N PRO A 303 -23.82 -26.95 10.54
CA PRO A 303 -24.10 -25.91 11.55
C PRO A 303 -22.96 -25.58 12.53
N GLN A 304 -21.85 -26.31 12.44
CA GLN A 304 -20.64 -26.07 13.24
C GLN A 304 -19.84 -24.86 12.67
N GLY A 305 -20.07 -24.58 11.39
CA GLY A 305 -19.42 -23.53 10.64
C GLY A 305 -18.43 -24.05 9.63
N PHE A 306 -17.79 -23.15 8.91
CA PHE A 306 -16.80 -23.55 7.92
C PHE A 306 -15.60 -22.62 7.83
N TYR A 307 -14.49 -23.13 7.28
CA TYR A 307 -13.32 -22.34 6.94
C TYR A 307 -13.26 -22.40 5.43
N LEU A 308 -13.18 -21.25 4.76
CA LEU A 308 -13.11 -21.22 3.31
C LEU A 308 -11.94 -20.35 2.83
N PHE A 309 -11.10 -20.91 1.95
CA PHE A 309 -10.01 -20.20 1.31
C PHE A 309 -10.36 -19.96 -0.17
N VAL A 310 -10.44 -18.68 -0.61
CA VAL A 310 -10.72 -18.30 -2.01
C VAL A 310 -9.54 -17.53 -2.57
N GLU A 311 -8.98 -18.02 -3.68
CA GLU A 311 -7.81 -17.41 -4.29
C GLU A 311 -7.97 -16.90 -5.72
N GLY A 312 -7.69 -15.62 -5.93
CA GLY A 312 -7.64 -15.01 -7.26
C GLY A 312 -6.20 -15.20 -7.69
N GLY A 313 -5.86 -16.44 -8.04
CA GLY A 313 -4.49 -16.85 -8.33
C GLY A 313 -3.87 -16.39 -9.62
N ARG A 314 -4.71 -15.96 -10.59
CA ARG A 314 -4.22 -15.55 -11.90
C ARG A 314 -3.89 -14.07 -12.05
N ILE A 315 -4.16 -13.28 -11.00
CA ILE A 315 -3.78 -11.87 -10.91
C ILE A 315 -2.23 -11.88 -11.02
N ASP A 316 -1.60 -12.74 -10.19
CA ASP A 316 -0.16 -12.96 -10.13
C ASP A 316 0.40 -13.30 -11.54
N GLN A 317 -0.19 -14.29 -12.20
CA GLN A 317 0.24 -14.79 -13.52
C GLN A 317 0.14 -13.76 -14.66
N GLY A 318 -0.88 -12.89 -14.60
CA GLY A 318 -1.06 -11.77 -15.53
C GLY A 318 0.11 -10.81 -15.40
N HIS A 319 0.46 -10.46 -14.13
CA HIS A 319 1.62 -9.61 -13.81
C HIS A 319 2.93 -10.28 -14.20
N HIS A 320 3.08 -11.60 -13.96
CA HIS A 320 4.29 -12.33 -14.39
C HIS A 320 4.50 -12.25 -15.91
N ALA A 321 3.41 -12.26 -16.68
CA ALA A 321 3.40 -12.18 -18.14
C ALA A 321 3.51 -10.73 -18.65
N GLY A 322 3.72 -9.78 -17.72
CA GLY A 322 3.78 -8.35 -18.00
C GLY A 322 2.55 -7.84 -18.72
N THR A 323 1.42 -8.58 -18.65
CA THR A 323 0.16 -8.25 -19.34
C THR A 323 -0.87 -7.73 -18.34
N ALA A 324 -0.82 -6.43 -18.06
CA ALA A 324 -1.68 -5.79 -17.07
C ALA A 324 -3.18 -5.97 -17.31
N TYR A 325 -3.60 -6.12 -18.58
CA TYR A 325 -5.01 -6.35 -18.88
C TYR A 325 -5.49 -7.63 -18.21
N LEU A 326 -4.66 -8.69 -18.26
CA LEU A 326 -5.00 -9.99 -17.67
C LEU A 326 -4.97 -9.91 -16.15
N ALA A 327 -3.92 -9.31 -15.59
CA ALA A 327 -3.79 -9.17 -14.14
C ALA A 327 -4.96 -8.43 -13.53
N LEU A 328 -5.35 -7.28 -14.12
CA LEU A 328 -6.43 -6.42 -13.63
C LEU A 328 -7.83 -6.98 -13.85
N THR A 329 -8.07 -7.67 -14.99
CA THR A 329 -9.37 -8.29 -15.26
C THR A 329 -9.62 -9.44 -14.28
N GLU A 330 -8.54 -10.16 -13.88
CA GLU A 330 -8.62 -11.25 -12.90
C GLU A 330 -9.02 -10.68 -11.54
N ALA A 331 -8.42 -9.52 -11.18
CA ALA A 331 -8.68 -8.81 -9.92
C ALA A 331 -10.11 -8.28 -9.90
N VAL A 332 -10.66 -7.85 -11.05
CA VAL A 332 -12.06 -7.42 -11.16
C VAL A 332 -12.95 -8.59 -10.75
N MET A 333 -12.71 -9.80 -11.33
CA MET A 333 -13.46 -11.01 -11.01
C MET A 333 -13.27 -11.43 -9.54
N PHE A 334 -12.05 -11.23 -8.99
CA PHE A 334 -11.75 -11.51 -7.59
C PHE A 334 -12.64 -10.65 -6.69
N ASP A 335 -12.74 -9.36 -7.01
CA ASP A 335 -13.60 -8.42 -6.27
C ASP A 335 -15.09 -8.81 -6.35
N SER A 336 -15.54 -9.39 -7.48
CA SER A 336 -16.92 -9.86 -7.64
C SER A 336 -17.19 -11.11 -6.81
N ALA A 337 -16.17 -11.94 -6.61
CA ALA A 337 -16.27 -13.13 -5.75
C ALA A 337 -16.40 -12.70 -4.29
N ILE A 338 -15.72 -11.60 -3.89
CA ILE A 338 -15.81 -11.02 -2.53
C ILE A 338 -17.27 -10.57 -2.30
N GLU A 339 -17.82 -9.83 -3.27
CA GLU A 339 -19.21 -9.36 -3.27
C GLU A 339 -20.22 -10.52 -3.11
N LYS A 340 -20.07 -11.61 -3.89
CA LYS A 340 -20.96 -12.79 -3.85
C LYS A 340 -20.97 -13.42 -2.46
N ALA A 341 -19.80 -13.66 -1.87
CA ALA A 341 -19.67 -14.23 -0.51
C ALA A 341 -20.33 -13.30 0.53
N SER A 342 -20.24 -11.99 0.32
CA SER A 342 -20.83 -10.98 1.20
C SER A 342 -22.37 -11.11 1.19
N GLN A 343 -22.95 -11.37 0.01
CA GLN A 343 -24.40 -11.57 -0.18
C GLN A 343 -24.89 -12.85 0.49
N LEU A 344 -24.02 -13.87 0.59
CA LEU A 344 -24.35 -15.20 1.11
C LEU A 344 -23.99 -15.42 2.57
N THR A 345 -23.22 -14.49 3.18
CA THR A 345 -22.80 -14.66 4.57
C THR A 345 -23.15 -13.44 5.41
N ASN A 346 -23.27 -13.62 6.74
CA ASN A 346 -23.55 -12.50 7.62
C ASN A 346 -22.31 -12.16 8.47
N GLU A 347 -22.02 -10.86 8.61
CA GLU A 347 -20.90 -10.39 9.43
C GLU A 347 -21.09 -10.78 10.88
N LYS A 348 -22.37 -11.03 11.35
CA LYS A 348 -22.70 -11.42 12.73
C LYS A 348 -21.97 -12.68 13.21
N ASP A 349 -21.73 -13.62 12.27
CA ASP A 349 -21.10 -14.91 12.55
C ASP A 349 -19.95 -15.28 11.62
N THR A 350 -19.62 -14.40 10.64
CA THR A 350 -18.58 -14.67 9.65
C THR A 350 -17.44 -13.65 9.66
N LEU A 351 -16.22 -14.14 9.87
CA LEU A 351 -15.03 -13.32 9.78
C LEU A 351 -14.48 -13.52 8.35
N THR A 352 -14.46 -12.45 7.54
CA THR A 352 -13.92 -12.45 6.19
C THR A 352 -12.71 -11.54 6.15
N LEU A 353 -11.56 -12.07 5.71
CA LEU A 353 -10.35 -11.26 5.52
C LEU A 353 -10.05 -11.23 4.04
N ILE A 354 -9.56 -10.09 3.55
CA ILE A 354 -9.07 -9.93 2.19
C ILE A 354 -7.63 -9.47 2.33
N THR A 355 -6.72 -10.10 1.57
CA THR A 355 -5.31 -9.72 1.55
C THR A 355 -4.66 -10.24 0.25
N ALA A 356 -3.35 -10.01 0.16
CA ALA A 356 -2.50 -10.46 -0.93
C ALA A 356 -1.36 -11.22 -0.25
N ASP A 357 -0.70 -12.11 -0.97
CA ASP A 357 0.44 -12.81 -0.39
C ASP A 357 1.69 -11.93 -0.50
N HIS A 358 1.76 -11.11 -1.57
CA HIS A 358 2.87 -10.19 -1.90
C HIS A 358 2.40 -9.29 -3.04
N SER A 359 3.25 -8.36 -3.40
CA SER A 359 2.99 -7.40 -4.47
C SER A 359 3.83 -7.75 -5.74
N HIS A 360 3.88 -6.84 -6.71
CA HIS A 360 4.66 -6.95 -7.94
C HIS A 360 5.50 -5.69 -8.16
N VAL A 361 6.17 -5.57 -9.30
CA VAL A 361 6.93 -4.36 -9.64
C VAL A 361 6.10 -3.57 -10.69
N PHE A 362 4.77 -3.67 -10.55
CA PHE A 362 3.76 -3.01 -11.36
C PHE A 362 3.45 -1.63 -10.78
N ALA A 363 3.37 -0.63 -11.65
CA ALA A 363 2.96 0.70 -11.22
C ALA A 363 2.27 1.45 -12.37
N PHE A 364 1.52 2.50 -12.04
CA PHE A 364 0.84 3.36 -12.99
C PHE A 364 1.06 4.83 -12.60
N GLY A 365 1.57 5.62 -13.56
CA GLY A 365 1.85 7.04 -13.38
C GLY A 365 1.55 7.85 -14.60
N GLY A 366 2.40 8.86 -14.88
CA GLY A 366 2.28 9.73 -16.05
C GLY A 366 1.26 10.85 -15.98
N TYR A 367 0.74 11.16 -14.77
CA TYR A 367 -0.22 12.28 -14.57
C TYR A 367 -1.42 12.22 -15.48
N THR A 368 -2.03 11.03 -15.58
CA THR A 368 -3.19 10.80 -16.43
C THR A 368 -4.44 11.54 -15.98
N LEU A 369 -5.30 11.90 -16.95
CA LEU A 369 -6.53 12.62 -16.68
C LEU A 369 -7.59 11.73 -16.04
N ARG A 370 -8.46 12.32 -15.23
CA ARG A 370 -9.57 11.66 -14.56
C ARG A 370 -10.49 11.08 -15.64
N GLY A 371 -10.86 9.82 -15.50
CA GLY A 371 -11.77 9.14 -16.42
C GLY A 371 -11.12 8.44 -17.59
N THR A 372 -9.79 8.51 -17.70
CA THR A 372 -9.08 7.83 -18.79
C THR A 372 -8.80 6.37 -18.45
N SER A 373 -8.69 5.55 -19.50
CA SER A 373 -8.41 4.11 -19.38
C SER A 373 -7.08 3.87 -18.67
N ILE A 374 -7.06 2.92 -17.72
CA ILE A 374 -5.84 2.56 -17.00
C ILE A 374 -4.76 2.05 -17.98
N PHE A 375 -5.19 1.51 -19.15
CA PHE A 375 -4.32 0.98 -20.22
C PHE A 375 -3.88 2.05 -21.21
N GLY A 376 -4.33 3.28 -20.98
CA GLY A 376 -4.04 4.44 -21.83
C GLY A 376 -2.64 4.99 -21.72
N LEU A 377 -2.39 6.06 -22.49
CA LEU A 377 -1.12 6.75 -22.56
C LEU A 377 -1.07 7.98 -21.66
N ALA A 378 0.14 8.35 -21.22
CA ALA A 378 0.32 9.57 -20.43
C ALA A 378 -0.04 10.76 -21.38
N PRO A 379 -0.62 11.89 -20.87
CA PRO A 379 -0.99 13.00 -21.78
C PRO A 379 0.16 13.64 -22.58
N LEU A 380 1.40 13.48 -22.13
CA LEU A 380 2.59 14.05 -22.80
C LEU A 380 3.51 12.97 -23.27
N ASN A 381 4.27 13.25 -24.34
CA ASN A 381 5.27 12.33 -24.83
C ASN A 381 6.44 12.33 -23.86
N ALA A 382 7.21 11.24 -23.85
CA ALA A 382 8.39 11.12 -23.00
C ALA A 382 9.54 12.03 -23.54
N GLN A 383 10.72 12.02 -22.89
CA GLN A 383 11.89 12.81 -23.28
C GLN A 383 12.34 12.55 -24.72
N ASP A 384 12.16 11.30 -25.20
CA ASP A 384 12.54 10.87 -26.55
C ASP A 384 11.49 11.22 -27.63
N GLY A 385 10.49 12.05 -27.28
CA GLY A 385 9.42 12.49 -28.17
C GLY A 385 8.36 11.44 -28.50
N LYS A 386 8.46 10.24 -27.90
CA LYS A 386 7.52 9.14 -28.10
C LYS A 386 6.62 9.01 -26.90
N SER A 387 5.42 8.48 -27.13
CA SER A 387 4.41 8.23 -26.11
C SER A 387 4.87 7.24 -25.02
N TYR A 388 4.15 7.24 -23.91
CA TYR A 388 4.39 6.29 -22.84
C TYR A 388 3.11 5.93 -22.17
N THR A 389 2.97 4.66 -21.79
CA THR A 389 1.76 4.21 -21.12
C THR A 389 1.77 4.60 -19.64
N SER A 390 0.58 4.78 -19.04
CA SER A 390 0.48 5.04 -17.58
C SER A 390 1.09 3.82 -16.84
N ILE A 391 0.69 2.60 -17.20
CA ILE A 391 1.22 1.36 -16.64
C ILE A 391 2.60 1.07 -17.19
N LEU A 392 3.53 0.77 -16.29
CA LEU A 392 4.89 0.37 -16.56
C LEU A 392 5.29 -0.65 -15.50
N TYR A 393 6.15 -1.62 -15.90
CA TYR A 393 6.67 -2.67 -15.02
C TYR A 393 8.14 -2.39 -14.84
N GLY A 394 8.67 -2.74 -13.67
CA GLY A 394 10.10 -2.56 -13.43
C GLY A 394 10.93 -3.53 -14.26
N ASN A 395 10.43 -4.76 -14.44
CA ASN A 395 11.11 -5.83 -15.16
C ASN A 395 10.11 -6.80 -15.82
N GLY A 396 10.63 -7.84 -16.48
CA GLY A 396 9.80 -8.85 -17.11
C GLY A 396 9.81 -8.91 -18.63
N PRO A 397 8.85 -9.66 -19.21
CA PRO A 397 8.86 -9.86 -20.68
C PRO A 397 8.44 -8.68 -21.56
N GLY A 398 8.04 -7.56 -20.97
CA GLY A 398 7.60 -6.39 -21.73
C GLY A 398 8.76 -5.53 -22.21
N TYR A 399 9.98 -5.87 -21.77
CA TYR A 399 11.18 -5.15 -22.13
C TYR A 399 11.39 -5.24 -23.65
N VAL A 400 11.46 -4.07 -24.27
CA VAL A 400 11.63 -3.88 -25.70
C VAL A 400 12.93 -3.15 -25.99
N LEU A 401 13.57 -3.54 -27.07
CA LEU A 401 14.86 -2.98 -27.44
C LEU A 401 15.11 -3.21 -28.94
N ASN A 402 14.26 -2.60 -29.80
CA ASN A 402 14.39 -2.66 -31.24
C ASN A 402 15.67 -1.85 -31.49
N SER A 403 16.85 -2.47 -31.22
CA SER A 403 18.18 -1.87 -31.21
C SER A 403 18.09 -0.78 -30.12
N GLY A 404 18.44 0.45 -30.43
CA GLY A 404 18.28 1.53 -29.49
C GLY A 404 17.00 2.29 -29.76
N ASN A 405 15.92 1.60 -30.20
CA ASN A 405 14.67 2.27 -30.55
C ASN A 405 13.49 1.83 -29.71
N ARG A 406 13.04 2.72 -28.82
CA ARG A 406 11.90 2.53 -27.95
C ARG A 406 10.63 2.66 -28.81
N PRO A 407 9.71 1.68 -28.80
CA PRO A 407 8.47 1.82 -29.60
C PRO A 407 7.65 3.05 -29.22
N ASN A 408 6.87 3.54 -30.18
CA ASN A 408 5.99 4.67 -30.01
C ASN A 408 4.57 4.15 -30.17
N VAL A 409 4.11 3.52 -29.11
CA VAL A 409 2.84 2.83 -28.93
C VAL A 409 1.62 3.75 -29.04
N THR A 410 0.53 3.25 -29.64
CA THR A 410 -0.73 4.01 -29.76
C THR A 410 -1.70 3.55 -28.67
N ASP A 411 -2.78 4.34 -28.45
CA ASP A 411 -3.85 4.01 -27.50
C ASP A 411 -4.49 2.63 -27.87
N ALA A 412 -4.69 2.37 -29.18
CA ALA A 412 -5.25 1.12 -29.70
C ALA A 412 -4.37 -0.08 -29.32
N GLU A 413 -3.05 0.06 -29.50
CA GLU A 413 -2.09 -1.01 -29.17
C GLU A 413 -2.00 -1.21 -27.66
N SER A 414 -1.99 -0.12 -26.88
CA SER A 414 -1.81 -0.15 -25.43
C SER A 414 -3.00 -0.74 -24.68
N GLY A 415 -4.18 -0.64 -25.27
CA GLY A 415 -5.40 -1.16 -24.67
C GLY A 415 -5.71 -2.57 -25.12
N ASP A 416 -4.85 -3.16 -25.96
CA ASP A 416 -5.04 -4.51 -26.47
C ASP A 416 -4.90 -5.54 -25.35
N VAL A 417 -5.77 -6.56 -25.40
CA VAL A 417 -5.84 -7.66 -24.44
C VAL A 417 -4.48 -8.30 -24.17
N ASN A 418 -3.65 -8.49 -25.20
CA ASN A 418 -2.34 -9.16 -25.07
C ASN A 418 -1.13 -8.21 -25.00
N TYR A 419 -1.38 -6.88 -24.88
CA TYR A 419 -0.30 -5.90 -24.80
C TYR A 419 0.54 -6.06 -23.52
N LYS A 420 1.86 -6.11 -23.69
CA LYS A 420 2.85 -6.17 -22.61
C LYS A 420 3.45 -4.76 -22.44
N GLN A 421 3.20 -4.12 -21.29
CA GLN A 421 3.72 -2.77 -21.00
C GLN A 421 5.24 -2.77 -20.95
N GLN A 422 5.85 -1.63 -21.22
CA GLN A 422 7.29 -1.53 -21.21
C GLN A 422 7.92 -1.78 -19.84
N ALA A 423 9.10 -2.37 -19.84
CA ALA A 423 9.82 -2.70 -18.61
C ALA A 423 11.27 -2.28 -18.76
N ALA A 424 11.95 -2.02 -17.63
CA ALA A 424 13.34 -1.55 -17.59
C ALA A 424 14.33 -2.66 -17.79
N VAL A 425 14.00 -3.85 -17.32
CA VAL A 425 14.91 -5.00 -17.33
C VAL A 425 14.23 -6.22 -17.98
N PRO A 426 14.92 -6.93 -18.91
CA PRO A 426 14.31 -8.16 -19.47
C PRO A 426 14.39 -9.37 -18.53
N LEU A 427 13.26 -10.06 -18.37
CA LEU A 427 13.14 -11.32 -17.61
C LEU A 427 12.07 -12.16 -18.30
N SER A 428 12.18 -13.49 -18.28
CA SER A 428 11.13 -14.32 -18.94
C SER A 428 9.80 -14.13 -18.19
N SER A 429 9.88 -13.79 -16.90
CA SER A 429 8.71 -13.55 -16.05
C SER A 429 9.02 -12.35 -15.15
N GLU A 430 8.08 -11.41 -15.04
CA GLU A 430 8.20 -10.23 -14.16
C GLU A 430 8.28 -10.73 -12.68
N THR A 431 8.99 -10.00 -11.79
CA THR A 431 9.16 -10.45 -10.42
C THR A 431 8.16 -9.87 -9.42
N HIS A 432 8.01 -10.55 -8.27
CA HIS A 432 7.23 -10.04 -7.14
C HIS A 432 7.89 -8.76 -6.61
N GLY A 433 7.13 -7.97 -5.84
CA GLY A 433 7.62 -6.78 -5.16
C GLY A 433 7.73 -7.18 -3.69
N GLY A 434 8.60 -6.51 -2.94
CA GLY A 434 8.78 -6.84 -1.53
C GLY A 434 7.98 -5.96 -0.58
N GLU A 435 7.18 -5.03 -1.11
CA GLU A 435 6.48 -4.11 -0.23
C GLU A 435 5.27 -4.66 0.46
N ASP A 436 4.86 -4.01 1.56
CA ASP A 436 3.69 -4.40 2.35
C ASP A 436 2.41 -4.45 1.50
N VAL A 437 1.46 -5.27 1.94
CA VAL A 437 0.17 -5.42 1.29
C VAL A 437 -0.94 -5.07 2.29
N ALA A 438 -2.15 -4.83 1.79
CA ALA A 438 -3.26 -4.47 2.65
C ALA A 438 -3.95 -5.75 3.20
N ILE A 439 -4.60 -5.61 4.35
CA ILE A 439 -5.44 -6.62 4.95
C ILE A 439 -6.74 -5.86 5.19
N PHE A 440 -7.86 -6.39 4.69
CA PHE A 440 -9.19 -5.83 4.91
C PHE A 440 -9.94 -6.88 5.74
N ALA A 441 -10.73 -6.47 6.74
CA ALA A 441 -11.45 -7.43 7.57
C ALA A 441 -12.85 -6.97 7.95
N ARG A 442 -13.76 -7.94 8.06
CA ARG A 442 -15.16 -7.72 8.45
C ARG A 442 -15.62 -8.91 9.27
N GLY A 443 -16.36 -8.66 10.33
CA GLY A 443 -16.90 -9.74 11.14
C GLY A 443 -16.38 -9.90 12.54
N PRO A 444 -16.75 -10.98 13.24
CA PRO A 444 -16.27 -11.15 14.62
C PRO A 444 -14.76 -11.16 14.68
N GLN A 445 -14.18 -10.32 15.55
CA GLN A 445 -12.74 -10.16 15.77
C GLN A 445 -12.00 -9.44 14.62
N ALA A 446 -12.73 -8.88 13.65
CA ALA A 446 -12.10 -8.13 12.53
C ALA A 446 -11.35 -6.91 13.05
N HIS A 447 -11.81 -6.30 14.16
CA HIS A 447 -11.17 -5.13 14.78
C HIS A 447 -9.74 -5.43 15.26
N LEU A 448 -9.37 -6.73 15.39
CA LEU A 448 -8.00 -7.12 15.77
C LEU A 448 -7.01 -6.93 14.60
N VAL A 449 -7.55 -6.72 13.39
CA VAL A 449 -6.77 -6.48 12.16
C VAL A 449 -6.53 -4.98 12.12
N HIS A 450 -5.38 -4.54 12.64
CA HIS A 450 -5.04 -3.12 12.78
C HIS A 450 -3.55 -2.93 12.65
N GLY A 451 -3.13 -1.66 12.49
CA GLY A 451 -1.74 -1.24 12.43
C GLY A 451 -0.92 -1.89 11.34
N VAL A 452 0.34 -2.23 11.66
CA VAL A 452 1.30 -2.86 10.75
C VAL A 452 1.60 -4.19 11.40
N GLN A 453 1.29 -5.28 10.69
CA GLN A 453 1.44 -6.64 11.21
C GLN A 453 2.35 -7.51 10.35
N GLU A 454 2.92 -8.53 10.98
CA GLU A 454 3.67 -9.57 10.27
C GLU A 454 2.60 -10.41 9.56
N GLN A 455 2.89 -10.88 8.34
CA GLN A 455 1.93 -11.65 7.56
C GLN A 455 1.32 -12.87 8.27
N ASN A 456 2.12 -13.59 9.09
CA ASN A 456 1.68 -14.78 9.83
C ASN A 456 0.57 -14.47 10.84
N TYR A 457 0.37 -13.18 11.14
CA TYR A 457 -0.68 -12.72 12.05
C TYR A 457 -2.09 -13.05 11.54
N ILE A 458 -2.30 -13.01 10.20
CA ILE A 458 -3.57 -13.33 9.55
C ILE A 458 -4.13 -14.70 10.00
N ALA A 459 -3.25 -15.71 10.03
CA ALA A 459 -3.60 -17.07 10.44
C ALA A 459 -4.02 -17.13 11.91
N HIS A 460 -3.31 -16.40 12.79
CA HIS A 460 -3.60 -16.33 14.23
C HIS A 460 -4.92 -15.63 14.57
N VAL A 461 -5.27 -14.56 13.84
CA VAL A 461 -6.52 -13.81 14.02
C VAL A 461 -7.68 -14.72 13.70
N MET A 462 -7.58 -15.45 12.58
CA MET A 462 -8.60 -16.36 12.12
C MET A 462 -8.77 -17.53 13.07
N ALA A 463 -7.65 -18.10 13.55
CA ALA A 463 -7.69 -19.22 14.50
C ALA A 463 -8.29 -18.77 15.84
N PHE A 464 -7.90 -17.57 16.33
CA PHE A 464 -8.42 -17.00 17.56
C PHE A 464 -9.94 -16.78 17.46
N ALA A 465 -10.38 -16.10 16.37
CA ALA A 465 -11.78 -15.79 16.09
C ALA A 465 -12.68 -17.03 16.03
N GLY A 466 -12.15 -18.15 15.52
CA GLY A 466 -12.90 -19.39 15.40
C GLY A 466 -12.77 -20.31 16.59
N CYS A 467 -12.01 -19.87 17.63
CA CYS A 467 -11.69 -20.65 18.84
C CYS A 467 -11.02 -21.99 18.48
N LEU A 468 -10.15 -21.93 17.48
CA LEU A 468 -9.38 -23.06 16.98
C LEU A 468 -8.06 -23.07 17.69
N GLU A 469 -7.41 -24.23 17.73
CA GLU A 469 -6.09 -24.46 18.32
C GLU A 469 -5.10 -23.43 17.70
N PRO A 470 -4.20 -22.76 18.46
CA PRO A 470 -3.89 -22.92 19.90
C PRO A 470 -4.75 -22.05 20.82
N TYR A 471 -5.89 -21.51 20.30
CA TYR A 471 -6.77 -20.62 21.04
C TYR A 471 -8.14 -21.21 21.41
N THR A 472 -8.20 -22.52 21.73
CA THR A 472 -9.46 -23.19 22.14
C THR A 472 -10.01 -22.56 23.42
N ASP A 473 -9.11 -21.96 24.22
CA ASP A 473 -9.42 -21.21 25.43
C ASP A 473 -9.58 -19.71 25.08
N CYS A 474 -10.27 -19.40 23.94
CA CYS A 474 -10.50 -18.05 23.39
C CYS A 474 -11.22 -17.10 24.38
N GLY A 475 -12.12 -17.65 25.19
CA GLY A 475 -12.91 -16.89 26.15
C GLY A 475 -13.96 -16.01 25.48
N LEU A 476 -14.30 -16.33 24.22
CA LEU A 476 -15.27 -15.55 23.45
C LEU A 476 -16.65 -16.12 23.55
N ALA A 477 -17.65 -15.23 23.50
CA ALA A 477 -19.05 -15.63 23.51
C ALA A 477 -19.36 -16.19 22.10
N PRO A 478 -20.34 -17.10 21.93
CA PRO A 478 -20.67 -17.58 20.58
C PRO A 478 -21.29 -16.46 19.74
N PRO A 479 -21.30 -16.53 18.38
CA PRO A 479 -21.94 -15.47 17.61
C PRO A 479 -23.44 -15.30 17.93
N ALA A 480 -23.92 -14.06 17.88
CA ALA A 480 -25.31 -13.71 18.16
C ALA A 480 -25.80 -12.64 17.15
N ASP A 481 -26.35 -11.49 17.62
CA ASP A 481 -26.86 -10.41 16.77
C ASP A 481 -26.15 -9.04 16.92
N GLU A 482 -24.83 -9.13 17.08
CA GLU A 482 -23.89 -8.04 17.16
C GLU A 482 -23.43 -7.81 15.70
N HIS A 483 -23.58 -6.58 15.18
CA HIS A 483 -23.15 -6.16 13.85
C HIS A 483 -22.26 -4.89 13.97
N HIS A 484 -21.72 -4.38 12.84
CA HIS A 484 -20.82 -3.22 12.77
C HIS A 484 -21.44 -1.83 12.79
N HIS A 485 -22.76 -1.72 12.46
CA HIS A 485 -23.56 -0.47 12.32
C HIS A 485 -22.93 0.30 11.19
N HIS A 486 -22.48 -0.44 10.16
CA HIS A 486 -21.79 0.00 8.95
C HIS A 486 -22.81 -0.05 7.80
N VAL B 1 20.41 -14.67 4.40
CA VAL B 1 20.71 -15.05 5.78
C VAL B 1 19.47 -15.66 6.44
N ILE B 2 19.53 -16.90 6.95
CA ILE B 2 18.40 -17.51 7.66
C ILE B 2 18.69 -17.33 9.15
N PRO B 3 18.03 -16.41 9.87
CA PRO B 3 18.33 -16.28 11.31
C PRO B 3 17.80 -17.48 12.08
N VAL B 4 18.69 -18.13 12.84
CA VAL B 4 18.47 -19.34 13.61
C VAL B 4 17.21 -19.38 14.47
N GLU B 5 16.91 -18.30 15.20
CA GLU B 5 15.74 -18.16 16.08
C GLU B 5 14.42 -18.28 15.29
N GLU B 6 14.40 -17.79 14.02
CA GLU B 6 13.23 -17.82 13.12
C GLU B 6 12.93 -19.21 12.51
N GLU B 7 13.82 -20.21 12.72
CA GLU B 7 13.58 -21.59 12.25
C GLU B 7 12.55 -22.31 13.13
N ASN B 8 12.35 -21.82 14.35
CA ASN B 8 11.45 -22.42 15.31
C ASN B 8 10.05 -21.81 15.19
N PRO B 9 9.01 -22.64 14.97
CA PRO B 9 7.63 -22.09 14.90
C PRO B 9 7.19 -21.34 16.15
N VAL B 10 7.76 -21.72 17.34
CA VAL B 10 7.46 -21.09 18.65
C VAL B 10 7.75 -19.59 18.57
N PHE B 11 8.83 -19.19 17.85
CA PHE B 11 9.17 -17.77 17.65
C PHE B 11 7.99 -17.00 17.01
N TRP B 12 7.46 -17.55 15.91
CA TRP B 12 6.34 -16.95 15.15
C TRP B 12 5.03 -17.00 15.88
N ASN B 13 4.77 -18.09 16.61
CA ASN B 13 3.54 -18.27 17.39
C ASN B 13 3.50 -17.34 18.58
N GLN B 14 4.68 -17.09 19.19
CA GLN B 14 4.82 -16.19 20.34
C GLN B 14 4.64 -14.73 19.88
N LYS B 15 5.25 -14.35 18.74
CA LYS B 15 5.14 -13.01 18.16
C LYS B 15 3.66 -12.66 17.84
N ALA B 16 2.94 -13.61 17.23
CA ALA B 16 1.53 -13.45 16.85
C ALA B 16 0.62 -13.36 18.08
N LYS B 17 0.89 -14.21 19.11
CA LYS B 17 0.22 -14.22 20.41
C LYS B 17 0.35 -12.85 21.08
N GLU B 18 1.58 -12.26 21.05
CA GLU B 18 1.86 -10.93 21.60
C GLU B 18 1.11 -9.85 20.82
N ALA B 19 1.05 -9.97 19.47
CA ALA B 19 0.33 -9.01 18.63
C ALA B 19 -1.17 -9.08 18.90
N LEU B 20 -1.71 -10.30 19.15
CA LEU B 20 -3.13 -10.49 19.49
C LEU B 20 -3.42 -9.82 20.83
N ASP B 21 -2.48 -9.93 21.80
CA ASP B 21 -2.63 -9.32 23.12
C ASP B 21 -2.69 -7.81 22.99
N VAL B 22 -1.85 -7.23 22.13
CA VAL B 22 -1.85 -5.78 21.88
C VAL B 22 -3.21 -5.38 21.25
N ALA B 23 -3.63 -6.10 20.19
CA ALA B 23 -4.91 -5.83 19.50
C ALA B 23 -6.15 -5.95 20.43
N LYS B 24 -6.21 -6.97 21.29
CA LYS B 24 -7.33 -7.18 22.24
C LYS B 24 -7.42 -6.11 23.32
N LYS B 25 -6.27 -5.58 23.76
CA LYS B 25 -6.16 -4.54 24.79
C LYS B 25 -6.28 -3.11 24.24
N LEU B 26 -6.19 -2.94 22.89
CA LEU B 26 -6.27 -1.64 22.21
C LEU B 26 -7.58 -0.94 22.50
N GLN B 27 -7.50 0.26 23.04
CA GLN B 27 -8.70 0.99 23.43
C GLN B 27 -8.78 2.32 22.69
N PRO B 28 -9.87 2.65 21.98
CA PRO B 28 -9.94 3.99 21.36
C PRO B 28 -10.00 5.09 22.43
N ILE B 29 -9.47 6.27 22.13
CA ILE B 29 -9.51 7.43 23.05
C ILE B 29 -10.70 8.27 22.56
N GLN B 30 -11.75 8.31 23.37
CA GLN B 30 -13.03 8.92 23.01
C GLN B 30 -13.21 10.38 23.41
N THR B 31 -12.12 11.12 23.56
CA THR B 31 -12.16 12.54 23.92
C THR B 31 -11.74 13.34 22.69
N SER B 32 -11.77 14.68 22.79
CA SER B 32 -11.24 15.56 21.75
C SER B 32 -9.71 15.57 21.93
N ALA B 33 -9.00 16.15 20.96
CA ALA B 33 -7.56 16.30 21.03
C ALA B 33 -7.22 17.75 21.27
N LYS B 34 -6.29 17.98 22.19
CA LYS B 34 -5.76 19.32 22.45
C LYS B 34 -4.77 19.67 21.29
N ASN B 35 -3.91 18.71 20.90
CA ASN B 35 -2.89 18.92 19.87
C ASN B 35 -3.16 18.09 18.63
N LEU B 36 -2.93 18.66 17.44
CA LEU B 36 -3.16 18.01 16.16
C LEU B 36 -1.87 18.02 15.39
N ILE B 37 -1.36 16.84 15.05
CA ILE B 37 -0.10 16.74 14.33
C ILE B 37 -0.27 15.92 13.06
N LEU B 38 0.17 16.47 11.93
CA LEU B 38 0.15 15.76 10.68
C LEU B 38 1.57 15.65 10.11
N PHE B 39 2.08 14.39 10.01
CA PHE B 39 3.36 14.06 9.39
C PHE B 39 3.06 13.62 7.96
N LEU B 40 3.60 14.33 6.97
CA LEU B 40 3.39 14.02 5.55
C LEU B 40 4.71 13.59 4.90
N GLY B 41 4.78 12.33 4.50
CA GLY B 41 5.93 11.82 3.74
C GLY B 41 5.64 12.09 2.28
N ASP B 42 6.23 13.15 1.72
CA ASP B 42 5.94 13.50 0.33
C ASP B 42 6.46 12.44 -0.64
N GLY B 43 5.53 11.81 -1.35
CA GLY B 43 5.82 10.73 -2.30
C GLY B 43 6.06 9.39 -1.66
N MET B 44 5.83 9.28 -0.32
CA MET B 44 6.07 8.09 0.48
C MET B 44 4.94 7.03 0.42
N GLY B 45 4.79 6.42 -0.75
CA GLY B 45 3.81 5.36 -0.93
C GLY B 45 4.21 4.11 -0.18
N VAL B 46 3.36 3.09 -0.23
CA VAL B 46 3.65 1.80 0.42
C VAL B 46 5.04 1.18 -0.02
N PRO B 47 5.46 1.19 -1.32
CA PRO B 47 6.82 0.67 -1.63
C PRO B 47 7.95 1.40 -0.91
N THR B 48 7.85 2.73 -0.80
CA THR B 48 8.81 3.56 -0.09
C THR B 48 8.84 3.18 1.38
N VAL B 49 7.66 2.98 2.03
CA VAL B 49 7.58 2.60 3.44
C VAL B 49 8.37 1.32 3.73
N THR B 50 8.13 0.24 2.95
CA THR B 50 8.84 -1.02 3.13
C THR B 50 10.33 -0.91 2.91
N ALA B 51 10.75 -0.27 1.78
CA ALA B 51 12.18 -0.07 1.44
C ALA B 51 12.88 0.74 2.54
N THR B 52 12.18 1.75 3.14
CA THR B 52 12.68 2.59 4.23
C THR B 52 12.82 1.73 5.48
N ARG B 53 11.87 0.79 5.73
CA ARG B 53 11.92 -0.10 6.87
C ARG B 53 13.17 -0.97 6.82
N ILE B 54 13.48 -1.54 5.64
CA ILE B 54 14.65 -2.37 5.40
C ILE B 54 15.93 -1.55 5.61
N LEU B 55 15.99 -0.35 4.99
CA LEU B 55 17.15 0.53 5.11
C LEU B 55 17.40 0.95 6.55
N LYS B 56 16.39 1.49 7.26
CA LYS B 56 16.52 1.91 8.65
C LYS B 56 16.92 0.76 9.56
N GLY B 57 16.34 -0.41 9.32
CA GLY B 57 16.64 -1.63 10.06
C GLY B 57 18.10 -2.05 9.95
N GLN B 58 18.63 -2.05 8.71
CA GLN B 58 20.03 -2.39 8.40
C GLN B 58 21.01 -1.36 8.91
N LEU B 59 20.63 -0.06 8.87
CA LEU B 59 21.49 0.99 9.42
C LEU B 59 21.64 0.82 10.93
N GLY B 60 20.62 0.25 11.58
CA GLY B 60 20.63 0.01 13.01
C GLY B 60 21.24 -1.31 13.44
N GLY B 61 21.85 -2.03 12.49
CA GLY B 61 22.48 -3.31 12.75
C GLY B 61 21.57 -4.53 12.67
N HIS B 62 20.34 -4.39 12.14
CA HIS B 62 19.41 -5.51 11.99
C HIS B 62 19.37 -6.02 10.56
N LEU B 63 18.61 -7.12 10.32
CA LEU B 63 18.48 -7.68 8.97
C LEU B 63 17.59 -6.80 8.07
N GLY B 64 16.66 -6.06 8.69
CA GLY B 64 15.84 -5.09 7.98
C GLY B 64 14.33 -5.19 8.07
N PRO B 65 13.70 -6.08 7.25
CA PRO B 65 12.23 -6.12 7.17
C PRO B 65 11.44 -6.43 8.44
N GLU B 66 12.08 -7.08 9.41
CA GLU B 66 11.48 -7.44 10.69
C GLU B 66 11.45 -6.27 11.67
N THR B 67 12.31 -5.25 11.46
CA THR B 67 12.50 -4.12 12.36
C THR B 67 11.45 -3.03 12.20
N PRO B 68 10.66 -2.76 13.24
CA PRO B 68 9.61 -1.74 13.08
C PRO B 68 10.13 -0.31 12.95
N LEU B 69 9.44 0.47 12.12
CA LEU B 69 9.66 1.90 11.96
C LEU B 69 8.90 2.56 13.12
N ALA B 70 9.17 3.86 13.43
CA ALA B 70 8.41 4.57 14.45
C ALA B 70 6.91 4.56 14.01
N MET B 71 6.64 4.79 12.71
CA MET B 71 5.29 4.76 12.14
C MET B 71 4.57 3.40 12.26
N ASP B 72 5.32 2.27 12.27
CA ASP B 72 4.75 0.91 12.39
C ASP B 72 4.12 0.65 13.76
N HIS B 73 4.39 1.52 14.75
CA HIS B 73 3.85 1.40 16.10
C HIS B 73 2.51 2.08 16.27
N PHE B 74 2.04 2.82 15.26
CA PHE B 74 0.76 3.54 15.28
C PHE B 74 -0.38 2.53 15.27
N PRO B 75 -1.33 2.61 16.23
CA PRO B 75 -2.37 1.56 16.32
C PRO B 75 -3.39 1.47 15.18
N PHE B 76 -3.79 2.62 14.59
CA PHE B 76 -4.83 2.67 13.55
C PHE B 76 -4.31 2.98 12.14
N THR B 77 -4.74 2.16 11.18
CA THR B 77 -4.33 2.17 9.76
C THR B 77 -5.54 2.32 8.84
N ALA B 78 -5.35 2.97 7.69
CA ALA B 78 -6.34 3.10 6.63
C ALA B 78 -5.63 3.32 5.32
N LEU B 79 -6.36 3.18 4.21
CA LEU B 79 -5.86 3.49 2.89
C LEU B 79 -6.50 4.81 2.46
N SER B 80 -5.72 5.63 1.76
CA SER B 80 -6.13 6.94 1.29
C SER B 80 -6.15 6.97 -0.25
N LYS B 81 -7.28 7.37 -0.84
CA LYS B 81 -7.47 7.48 -2.31
C LYS B 81 -7.06 8.89 -2.69
N THR B 82 -5.95 9.02 -3.44
CA THR B 82 -5.24 10.27 -3.73
C THR B 82 -5.63 11.10 -4.96
N TYR B 83 -6.44 10.54 -5.86
CA TYR B 83 -6.79 11.23 -7.10
C TYR B 83 -7.17 12.69 -6.94
N ASN B 84 -6.74 13.52 -7.89
CA ASN B 84 -7.17 14.91 -7.97
C ASN B 84 -8.48 14.87 -8.73
N VAL B 85 -9.31 15.92 -8.59
CA VAL B 85 -10.58 15.99 -9.31
C VAL B 85 -10.38 15.78 -10.83
N ASP B 86 -9.37 16.45 -11.43
CA ASP B 86 -9.08 16.40 -12.86
C ASP B 86 -8.04 15.36 -13.30
N ARG B 87 -7.20 14.86 -12.36
CA ARG B 87 -6.13 13.91 -12.70
C ARG B 87 -6.12 12.74 -11.76
N GLN B 88 -6.21 11.51 -12.33
CA GLN B 88 -6.19 10.29 -11.50
C GLN B 88 -4.79 9.94 -10.96
N VAL B 89 -3.71 10.44 -11.61
CA VAL B 89 -2.35 10.34 -11.11
C VAL B 89 -2.04 11.79 -10.61
N PRO B 90 -2.09 12.03 -9.28
CA PRO B 90 -2.05 13.41 -8.78
C PRO B 90 -0.71 14.09 -8.60
N ASP B 91 -0.76 15.39 -8.31
CA ASP B 91 0.41 16.22 -7.99
C ASP B 91 0.41 16.57 -6.46
N SER B 92 1.43 17.29 -5.98
CA SER B 92 1.56 17.71 -4.59
C SER B 92 0.59 18.82 -4.20
N ALA B 93 0.27 19.74 -5.12
CA ALA B 93 -0.60 20.87 -4.86
C ALA B 93 -2.06 20.46 -4.66
N GLY B 94 -2.62 19.71 -5.62
CA GLY B 94 -3.98 19.20 -5.58
C GLY B 94 -4.21 18.32 -4.36
N THR B 95 -3.23 17.44 -4.04
CA THR B 95 -3.33 16.57 -2.86
C THR B 95 -3.29 17.38 -1.57
N ALA B 96 -2.41 18.42 -1.50
CA ALA B 96 -2.29 19.33 -0.34
C ALA B 96 -3.65 19.94 0.06
N THR B 97 -4.44 20.36 -0.92
CA THR B 97 -5.78 20.91 -0.68
C THR B 97 -6.69 19.87 -0.02
N ALA B 98 -6.59 18.59 -0.44
CA ALA B 98 -7.40 17.54 0.13
C ALA B 98 -7.06 17.24 1.61
N TYR B 99 -5.85 16.82 1.94
CA TYR B 99 -5.53 16.49 3.34
C TYR B 99 -5.34 17.69 4.30
N LEU B 100 -5.18 18.92 3.74
CA LEU B 100 -5.03 20.14 4.55
C LEU B 100 -6.26 21.02 4.67
N CYS B 101 -7.12 21.00 3.62
CA CYS B 101 -8.35 21.80 3.56
C CYS B 101 -9.61 20.96 3.65
N GLY B 102 -9.54 19.68 3.27
CA GLY B 102 -10.69 18.79 3.34
C GLY B 102 -11.60 18.84 2.12
N VAL B 103 -11.06 19.37 1.02
CA VAL B 103 -11.72 19.52 -0.26
C VAL B 103 -10.79 19.02 -1.34
N LYS B 104 -11.27 18.12 -2.22
CA LYS B 104 -10.43 17.68 -3.33
C LYS B 104 -10.37 18.76 -4.39
N ALA B 105 -9.24 18.84 -5.09
CA ALA B 105 -9.05 19.94 -6.02
C ALA B 105 -8.38 19.52 -7.31
N ASN B 106 -8.10 20.53 -8.15
CA ASN B 106 -7.45 20.33 -9.42
C ASN B 106 -5.96 20.40 -9.30
N TYR B 107 -5.29 19.56 -10.10
CA TYR B 107 -3.87 19.42 -10.33
C TYR B 107 -3.19 20.82 -10.46
N LYS B 108 -2.10 21.04 -9.70
CA LYS B 108 -1.27 22.26 -9.68
C LYS B 108 -1.84 23.52 -9.01
N THR B 109 -3.01 23.41 -8.36
CA THR B 109 -3.65 24.53 -7.65
C THR B 109 -3.59 24.23 -6.15
N ILE B 110 -3.57 25.30 -5.30
CA ILE B 110 -3.51 25.17 -3.83
C ILE B 110 -4.61 25.98 -3.13
N GLY B 111 -5.27 25.39 -2.13
CA GLY B 111 -6.28 26.06 -1.31
C GLY B 111 -7.45 26.68 -2.06
N VAL B 112 -7.80 26.07 -3.20
CA VAL B 112 -8.95 26.50 -4.03
C VAL B 112 -9.76 25.26 -4.40
N SER B 113 -11.08 25.41 -4.55
CA SER B 113 -11.95 24.29 -4.96
C SER B 113 -11.67 23.93 -6.43
N ALA B 114 -12.23 22.80 -6.91
CA ALA B 114 -12.04 22.40 -8.31
C ALA B 114 -12.84 23.29 -9.31
N ALA B 115 -13.57 24.31 -8.82
CA ALA B 115 -14.26 25.31 -9.65
C ALA B 115 -13.20 26.23 -10.27
N ALA B 116 -12.04 26.34 -9.59
CA ALA B 116 -10.92 27.14 -10.06
C ALA B 116 -10.22 26.43 -11.22
N ARG B 117 -9.44 27.17 -12.01
CA ARG B 117 -8.73 26.60 -13.13
C ARG B 117 -7.29 26.96 -13.03
N PHE B 118 -6.41 25.97 -13.29
CA PHE B 118 -4.96 26.16 -13.26
C PHE B 118 -4.53 27.35 -14.13
N ASN B 119 -3.65 28.20 -13.57
CA ASN B 119 -3.06 29.37 -14.24
C ASN B 119 -4.08 30.42 -14.74
N GLN B 120 -5.30 30.42 -14.20
CA GLN B 120 -6.35 31.39 -14.52
C GLN B 120 -6.65 32.15 -13.23
N CYS B 121 -5.90 33.24 -13.00
CA CYS B 121 -5.98 34.08 -11.80
C CYS B 121 -7.39 34.46 -11.39
N ASN B 122 -8.26 34.83 -12.36
CA ASN B 122 -9.65 35.21 -12.07
C ASN B 122 -10.51 34.14 -11.44
N SER B 123 -10.21 32.85 -11.72
CA SER B 123 -10.95 31.70 -11.18
C SER B 123 -10.70 31.47 -9.67
N THR B 124 -9.70 32.19 -9.06
CA THR B 124 -9.38 32.08 -7.62
C THR B 124 -10.54 32.57 -6.76
N PHE B 125 -11.02 33.80 -7.05
CA PHE B 125 -11.99 34.57 -6.27
C PHE B 125 -13.35 33.96 -6.11
N GLY B 126 -13.69 33.67 -4.86
CA GLY B 126 -14.92 33.00 -4.48
C GLY B 126 -14.73 31.50 -4.36
N ASN B 127 -13.57 30.98 -4.85
CA ASN B 127 -13.28 29.54 -4.85
C ASN B 127 -12.23 29.09 -3.83
N GLU B 128 -11.78 30.00 -2.95
CA GLU B 128 -10.81 29.70 -1.91
C GLU B 128 -11.42 28.73 -0.90
N VAL B 129 -10.61 27.77 -0.41
CA VAL B 129 -10.99 26.84 0.66
C VAL B 129 -10.02 27.02 1.82
N PHE B 130 -10.48 26.87 3.06
CA PHE B 130 -9.67 27.14 4.23
C PHE B 130 -9.15 25.94 4.96
N SER B 131 -7.85 25.99 5.29
CA SER B 131 -7.16 24.88 5.95
C SER B 131 -7.61 24.67 7.39
N VAL B 132 -7.36 23.45 7.87
CA VAL B 132 -7.56 23.03 9.26
C VAL B 132 -6.63 23.89 10.11
N MET B 133 -5.41 24.21 9.60
CA MET B 133 -4.46 25.07 10.31
C MET B 133 -5.05 26.48 10.51
N HIS B 134 -5.65 27.07 9.46
CA HIS B 134 -6.32 28.37 9.53
C HIS B 134 -7.43 28.31 10.61
N ARG B 135 -8.28 27.27 10.55
CA ARG B 135 -9.35 27.01 11.50
C ARG B 135 -8.87 26.74 12.93
N ALA B 136 -7.68 26.09 13.10
CA ALA B 136 -7.04 25.85 14.41
C ALA B 136 -6.64 27.19 15.03
N LYS B 137 -6.07 28.08 14.20
CA LYS B 137 -5.67 29.42 14.60
C LYS B 137 -6.91 30.22 15.10
N LYS B 138 -8.02 30.21 14.33
CA LYS B 138 -9.29 30.89 14.68
C LYS B 138 -9.80 30.44 16.04
N ALA B 139 -9.58 29.18 16.40
CA ALA B 139 -10.01 28.60 17.67
C ALA B 139 -9.06 28.91 18.82
N GLY B 140 -7.97 29.61 18.53
CA GLY B 140 -7.00 30.02 19.55
C GLY B 140 -5.80 29.13 19.72
N LYS B 141 -5.66 28.12 18.88
CA LYS B 141 -4.51 27.23 18.98
C LYS B 141 -3.28 27.87 18.35
N SER B 142 -2.09 27.42 18.72
CA SER B 142 -0.85 27.88 18.09
C SER B 142 -0.65 27.00 16.84
N VAL B 143 -0.05 27.56 15.77
CA VAL B 143 0.10 26.82 14.52
C VAL B 143 1.55 26.78 14.01
N GLY B 144 1.93 25.64 13.45
CA GLY B 144 3.28 25.43 12.96
C GLY B 144 3.39 24.68 11.66
N VAL B 145 4.38 25.04 10.84
CA VAL B 145 4.69 24.46 9.53
C VAL B 145 6.19 24.13 9.50
N VAL B 146 6.51 22.84 9.37
CA VAL B 146 7.89 22.35 9.32
C VAL B 146 8.06 21.53 8.02
N THR B 147 9.06 21.87 7.22
CA THR B 147 9.35 21.16 5.98
C THR B 147 10.84 21.17 5.62
N THR B 148 11.25 20.23 4.76
CA THR B 148 12.63 20.13 4.27
C THR B 148 12.77 20.80 2.88
N THR B 149 11.65 21.22 2.31
CA THR B 149 11.67 21.95 1.05
C THR B 149 11.54 23.42 1.40
N ARG B 150 11.44 24.29 0.39
CA ARG B 150 11.15 25.70 0.63
C ARG B 150 9.76 25.75 1.31
N VAL B 151 9.56 26.67 2.23
CA VAL B 151 8.27 26.80 2.95
C VAL B 151 7.13 27.27 2.03
N GLN B 152 7.48 27.70 0.81
CA GLN B 152 6.55 28.17 -0.22
C GLN B 152 6.18 27.05 -1.19
N HIS B 153 6.65 25.81 -0.94
CA HIS B 153 6.33 24.64 -1.78
C HIS B 153 4.88 24.22 -1.60
N ALA B 154 4.34 23.46 -2.56
CA ALA B 154 2.92 23.05 -2.59
C ALA B 154 2.34 22.48 -1.30
N SER B 155 3.04 21.50 -0.69
CA SER B 155 2.56 20.88 0.55
C SER B 155 2.46 21.87 1.71
N PRO B 156 3.55 22.55 2.18
CA PRO B 156 3.40 23.52 3.26
C PRO B 156 2.46 24.67 2.88
N ALA B 157 2.49 25.12 1.58
CA ALA B 157 1.59 26.20 1.10
C ALA B 157 0.11 25.87 1.30
N GLY B 158 -0.25 24.60 1.28
CA GLY B 158 -1.63 24.14 1.48
C GLY B 158 -2.24 24.52 2.82
N THR B 159 -1.38 24.78 3.83
CA THR B 159 -1.84 25.18 5.16
C THR B 159 -2.24 26.65 5.21
N TYR B 160 -1.76 27.48 4.26
CA TYR B 160 -2.05 28.94 4.33
C TYR B 160 -2.47 29.65 3.04
N ALA B 161 -2.02 29.13 1.88
CA ALA B 161 -2.20 29.78 0.57
C ALA B 161 -3.40 29.32 -0.26
N HIS B 162 -3.81 30.19 -1.20
CA HIS B 162 -4.87 30.03 -2.20
C HIS B 162 -4.26 30.53 -3.49
N THR B 163 -3.91 29.60 -4.37
CA THR B 163 -3.31 29.91 -5.67
C THR B 163 -3.74 28.94 -6.77
N VAL B 164 -3.91 29.44 -7.99
CA VAL B 164 -4.27 28.64 -9.17
C VAL B 164 -3.00 28.15 -9.88
N ASN B 165 -1.81 28.57 -9.38
CA ASN B 165 -0.55 28.12 -9.95
C ASN B 165 0.51 27.94 -8.85
N ARG B 166 0.87 26.67 -8.58
CA ARG B 166 1.84 26.32 -7.53
C ARG B 166 3.26 26.84 -7.80
N ASP B 167 3.56 27.26 -9.03
CA ASP B 167 4.89 27.78 -9.40
C ASP B 167 5.10 29.25 -9.02
N TRP B 168 4.07 29.91 -8.45
CA TRP B 168 4.13 31.34 -8.09
C TRP B 168 4.72 31.59 -6.69
N TYR B 169 6.00 31.21 -6.50
CA TYR B 169 6.73 31.32 -5.22
C TYR B 169 6.94 32.75 -4.78
N SER B 170 7.39 33.59 -5.72
CA SER B 170 7.58 35.02 -5.49
C SER B 170 6.89 35.75 -6.65
N ASP B 171 6.86 37.10 -6.60
CA ASP B 171 6.30 37.96 -7.63
C ASP B 171 7.09 37.86 -8.92
N ALA B 172 8.38 37.50 -8.85
CA ALA B 172 9.25 37.27 -10.01
C ALA B 172 8.77 36.09 -10.88
N ASP B 173 8.03 35.14 -10.30
CA ASP B 173 7.50 33.97 -11.01
C ASP B 173 6.14 34.23 -11.66
N MET B 174 5.55 35.39 -11.39
CA MET B 174 4.21 35.69 -11.89
C MET B 174 4.12 36.53 -13.15
N PRO B 175 3.14 36.20 -14.03
CA PRO B 175 2.90 37.07 -15.20
C PRO B 175 2.27 38.38 -14.70
N SER B 176 2.47 39.48 -15.43
CA SER B 176 1.96 40.81 -15.07
C SER B 176 0.44 40.84 -14.95
N SER B 177 -0.27 40.08 -15.82
CA SER B 177 -1.73 39.99 -15.81
C SER B 177 -2.27 39.45 -14.50
N ALA B 178 -1.59 38.45 -13.90
CA ALA B 178 -1.99 37.83 -12.63
C ALA B 178 -1.76 38.80 -11.47
N LEU B 179 -0.62 39.54 -11.49
CA LEU B 179 -0.31 40.56 -10.49
C LEU B 179 -1.36 41.68 -10.51
N GLN B 180 -1.74 42.13 -11.71
CA GLN B 180 -2.75 43.17 -11.96
C GLN B 180 -4.17 42.71 -11.60
N GLU B 181 -4.52 41.42 -11.84
CA GLU B 181 -5.84 40.86 -11.52
C GLU B 181 -6.05 40.62 -10.01
N GLY B 182 -5.00 40.85 -9.21
CA GLY B 182 -5.06 40.74 -7.75
C GLY B 182 -4.50 39.49 -7.10
N CYS B 183 -3.85 38.60 -7.89
CA CYS B 183 -3.25 37.38 -7.34
C CYS B 183 -1.97 37.67 -6.60
N LYS B 184 -1.75 36.91 -5.51
CA LYS B 184 -0.58 37.08 -4.64
C LYS B 184 0.35 35.89 -4.72
N ASP B 185 1.65 36.16 -4.72
CA ASP B 185 2.66 35.10 -4.74
C ASP B 185 2.64 34.38 -3.37
N ILE B 186 3.04 33.10 -3.36
CA ILE B 186 3.01 32.24 -2.17
C ILE B 186 3.78 32.82 -0.97
N ALA B 187 4.99 33.34 -1.21
CA ALA B 187 5.82 33.96 -0.18
C ALA B 187 5.07 35.09 0.57
N THR B 188 4.30 35.92 -0.16
CA THR B 188 3.50 37.02 0.43
C THR B 188 2.32 36.43 1.25
N GLN B 189 1.66 35.39 0.71
CA GLN B 189 0.53 34.74 1.38
C GLN B 189 0.96 34.12 2.71
N LEU B 190 2.23 33.67 2.76
CA LEU B 190 2.88 33.07 3.94
C LEU B 190 2.85 34.00 5.15
N ILE B 191 3.14 35.28 4.93
CA ILE B 191 3.22 36.29 5.99
C ILE B 191 1.89 37.05 6.16
N SER B 192 1.00 37.04 5.15
CA SER B 192 -0.21 37.85 5.28
C SER B 192 -1.57 37.22 5.46
N ASN B 193 -1.81 36.00 4.94
CA ASN B 193 -3.14 35.37 5.04
C ASN B 193 -3.56 35.08 6.46
N MET B 194 -2.62 34.63 7.30
CA MET B 194 -2.90 34.26 8.68
C MET B 194 -1.65 34.39 9.52
N ASP B 195 -1.86 34.29 10.84
CA ASP B 195 -0.81 34.30 11.85
C ASP B 195 -0.27 32.88 11.96
N ILE B 196 1.03 32.68 11.64
CA ILE B 196 1.69 31.38 11.78
C ILE B 196 2.77 31.55 12.84
N ASP B 197 2.67 30.78 13.95
CA ASP B 197 3.60 30.88 15.08
C ASP B 197 5.00 30.34 14.76
N VAL B 198 5.07 29.18 14.09
CA VAL B 198 6.32 28.54 13.73
C VAL B 198 6.36 28.21 12.23
N ILE B 199 7.41 28.71 11.53
CA ILE B 199 7.67 28.45 10.11
C ILE B 199 9.10 27.94 10.05
N LEU B 200 9.31 26.68 9.69
CA LEU B 200 10.67 26.11 9.61
C LEU B 200 10.87 25.32 8.33
N GLY B 201 11.96 25.62 7.65
CA GLY B 201 12.33 24.97 6.39
C GLY B 201 13.24 25.84 5.55
N GLY B 202 13.15 25.71 4.24
CA GLY B 202 13.97 26.50 3.34
C GLY B 202 13.16 27.61 2.71
N GLY B 203 13.75 28.24 1.71
CA GLY B 203 13.04 29.26 0.94
C GLY B 203 13.34 30.73 1.23
N ARG B 204 14.56 31.01 1.70
CA ARG B 204 15.02 32.37 1.98
C ARG B 204 14.88 33.29 0.77
N LYS B 205 15.33 32.86 -0.43
CA LYS B 205 15.37 33.75 -1.60
C LYS B 205 14.08 34.43 -2.05
N PHE B 206 12.94 33.81 -1.79
CA PHE B 206 11.62 34.33 -2.18
C PHE B 206 11.08 35.36 -1.19
N MET B 207 11.81 35.60 -0.11
CA MET B 207 11.42 36.53 0.97
C MET B 207 12.16 37.86 0.93
N PHE B 208 13.22 37.95 0.13
CA PHE B 208 14.10 39.13 0.10
C PHE B 208 14.16 39.86 -1.23
N PRO B 209 14.36 41.22 -1.24
CA PRO B 209 14.45 41.96 -2.54
C PRO B 209 15.54 41.40 -3.49
N LYS B 210 15.35 41.61 -4.82
CA LYS B 210 16.31 41.14 -5.84
C LYS B 210 17.75 41.56 -5.52
N GLY B 211 18.65 40.58 -5.49
CA GLY B 211 20.07 40.80 -5.23
C GLY B 211 20.53 40.79 -3.79
N THR B 212 19.59 40.66 -2.82
CA THR B 212 19.93 40.61 -1.38
C THR B 212 20.83 39.38 -1.21
N PRO B 213 22.10 39.55 -0.79
CA PRO B 213 22.96 38.37 -0.62
C PRO B 213 22.41 37.40 0.42
N ASP B 214 22.55 36.11 0.12
CA ASP B 214 22.13 35.05 1.02
C ASP B 214 23.13 35.04 2.20
N PRO B 215 22.67 34.85 3.47
CA PRO B 215 23.63 34.84 4.58
C PRO B 215 24.64 33.72 4.52
N GLU B 216 24.30 32.57 3.88
CA GLU B 216 25.21 31.43 3.78
C GLU B 216 26.06 31.43 2.51
N TYR B 217 25.53 31.96 1.39
CA TYR B 217 26.19 32.00 0.09
C TYR B 217 26.18 33.44 -0.46
N PRO B 218 26.85 34.41 0.21
CA PRO B 218 26.81 35.81 -0.29
C PRO B 218 27.39 36.05 -1.69
N GLY B 219 28.38 35.24 -2.08
CA GLY B 219 29.06 35.35 -3.36
C GLY B 219 28.37 34.70 -4.54
N ASP B 220 27.25 33.99 -4.30
CA ASP B 220 26.54 33.29 -5.37
C ASP B 220 25.23 34.01 -5.71
N SER B 221 25.19 34.62 -6.92
CA SER B 221 24.03 35.37 -7.45
C SER B 221 22.77 34.51 -7.60
N ASP B 222 22.97 33.20 -7.76
CA ASP B 222 21.88 32.25 -7.92
C ASP B 222 21.20 31.95 -6.60
N GLN B 223 21.81 32.35 -5.47
CA GLN B 223 21.25 32.16 -4.13
C GLN B 223 20.62 33.45 -3.54
N SER B 224 20.83 34.59 -4.23
CA SER B 224 20.35 35.91 -3.82
C SER B 224 18.83 36.04 -3.82
N GLY B 225 18.33 37.02 -3.08
CA GLY B 225 16.91 37.37 -3.05
C GLY B 225 16.42 37.56 -4.46
N VAL B 226 15.14 37.26 -4.70
CA VAL B 226 14.55 37.23 -6.04
C VAL B 226 13.35 38.20 -6.25
N ARG B 227 12.87 38.86 -5.17
CA ARG B 227 11.70 39.75 -5.18
C ARG B 227 11.85 40.99 -6.03
N LEU B 228 10.80 41.28 -6.79
CA LEU B 228 10.75 42.43 -7.70
C LEU B 228 10.08 43.66 -7.05
N ASP B 229 9.28 43.44 -5.97
CA ASP B 229 8.55 44.50 -5.28
C ASP B 229 9.39 45.16 -4.18
N SER B 230 10.67 44.74 -4.03
CA SER B 230 11.60 45.25 -3.03
C SER B 230 11.17 45.05 -1.55
N ARG B 231 10.16 44.22 -1.30
CA ARG B 231 9.70 43.94 0.06
C ARG B 231 10.59 42.91 0.74
N ASN B 232 10.84 43.12 2.03
CA ASN B 232 11.56 42.18 2.88
C ASN B 232 10.48 41.49 3.69
N LEU B 233 10.01 40.35 3.20
CA LEU B 233 8.93 39.59 3.83
C LEU B 233 9.24 39.00 5.22
N VAL B 234 10.53 38.80 5.51
CA VAL B 234 10.99 38.34 6.81
C VAL B 234 10.79 39.49 7.83
N GLU B 235 11.27 40.71 7.46
CA GLU B 235 11.11 41.90 8.28
C GLU B 235 9.62 42.18 8.57
N GLU B 236 8.76 42.11 7.52
CA GLU B 236 7.33 42.32 7.67
C GLU B 236 6.70 41.29 8.59
N TRP B 237 7.16 40.02 8.54
CA TRP B 237 6.62 38.97 9.41
C TRP B 237 7.03 39.21 10.87
N LEU B 238 8.30 39.62 11.11
CA LEU B 238 8.81 39.90 12.46
C LEU B 238 8.03 41.02 13.15
N ALA B 239 7.69 42.06 12.41
CA ALA B 239 6.97 43.26 12.85
C ALA B 239 5.50 43.02 13.23
N LYS B 240 4.91 41.87 12.80
CA LYS B 240 3.49 41.53 13.06
C LYS B 240 3.13 41.40 14.54
N TYR B 241 4.04 40.86 15.37
CA TYR B 241 3.79 40.60 16.78
C TYR B 241 5.06 40.76 17.57
N GLN B 242 4.90 40.96 18.88
CA GLN B 242 6.02 41.01 19.81
C GLN B 242 6.45 39.57 20.06
N GLY B 243 7.75 39.34 20.21
CA GLY B 243 8.32 38.01 20.50
C GLY B 243 8.67 37.14 19.31
N THR B 244 8.69 37.71 18.12
CA THR B 244 9.03 37.00 16.88
C THR B 244 10.52 36.95 16.75
N ARG B 245 11.04 35.90 16.12
CA ARG B 245 12.46 35.70 15.90
C ARG B 245 12.71 35.05 14.55
N TYR B 246 13.77 35.48 13.85
CA TYR B 246 14.21 34.92 12.58
C TYR B 246 15.59 34.31 12.72
N VAL B 247 15.72 33.05 12.26
CA VAL B 247 16.97 32.29 12.29
C VAL B 247 17.24 31.74 10.87
N TRP B 248 18.53 31.55 10.53
CA TRP B 248 18.90 31.02 9.23
C TRP B 248 19.94 29.90 9.34
N ASN B 249 20.31 29.52 10.56
CA ASN B 249 21.24 28.42 10.81
C ASN B 249 20.86 27.65 12.08
N ARG B 250 21.47 26.44 12.27
CA ARG B 250 21.25 25.55 13.40
C ARG B 250 21.57 26.15 14.79
N GLU B 251 22.73 26.82 14.94
CA GLU B 251 23.13 27.44 16.22
C GLU B 251 22.10 28.50 16.68
N GLN B 252 21.63 29.34 15.73
CA GLN B 252 20.61 30.35 16.00
C GLN B 252 19.28 29.69 16.38
N LEU B 253 18.94 28.55 15.72
CA LEU B 253 17.73 27.80 16.01
C LEU B 253 17.72 27.24 17.45
N MET B 254 18.82 26.59 17.85
CA MET B 254 18.97 26.03 19.20
C MET B 254 18.88 27.12 20.27
N GLN B 255 19.53 28.29 20.02
CA GLN B 255 19.49 29.42 20.94
C GLN B 255 18.06 29.97 21.04
N ALA B 256 17.34 30.08 19.89
CA ALA B 256 15.97 30.57 19.83
C ALA B 256 15.02 29.68 20.61
N SER B 257 15.19 28.37 20.46
CA SER B 257 14.41 27.33 21.15
C SER B 257 14.44 27.49 22.68
N GLN B 258 15.56 27.96 23.25
CA GLN B 258 15.74 28.12 24.70
C GLN B 258 15.43 29.52 25.19
N ASP B 259 15.35 30.51 24.28
CA ASP B 259 15.07 31.91 24.61
C ASP B 259 13.60 32.10 25.05
N PRO B 260 13.37 32.55 26.32
CA PRO B 260 11.98 32.75 26.78
C PRO B 260 11.26 33.94 26.14
N ALA B 261 12.01 34.90 25.57
CA ALA B 261 11.45 36.06 24.88
C ALA B 261 10.89 35.69 23.49
N VAL B 262 11.26 34.50 22.97
CA VAL B 262 10.82 34.03 21.66
C VAL B 262 9.53 33.25 21.82
N THR B 263 8.46 33.69 21.15
CA THR B 263 7.16 33.02 21.17
C THR B 263 6.72 32.62 19.76
N ARG B 264 7.25 33.30 18.72
CA ARG B 264 7.02 33.00 17.30
C ARG B 264 8.36 32.88 16.63
N LEU B 265 8.52 31.90 15.77
CA LEU B 265 9.80 31.66 15.14
C LEU B 265 9.70 31.34 13.67
N MET B 266 10.52 32.04 12.87
CA MET B 266 10.68 31.76 11.45
C MET B 266 12.15 31.35 11.24
N GLY B 267 12.36 30.14 10.74
CA GLY B 267 13.67 29.61 10.45
C GLY B 267 13.78 29.15 9.03
N LEU B 268 14.58 29.86 8.20
CA LEU B 268 14.75 29.52 6.78
C LEU B 268 16.19 29.22 6.60
N PHE B 269 16.48 27.93 6.36
CA PHE B 269 17.80 27.34 6.38
C PHE B 269 18.55 27.19 5.07
N GLU B 270 17.91 27.57 3.94
CA GLU B 270 18.55 27.49 2.62
C GLU B 270 17.89 28.48 1.68
N PRO B 271 18.57 28.87 0.58
CA PRO B 271 17.92 29.77 -0.41
C PRO B 271 16.62 29.15 -0.94
N THR B 272 16.64 27.84 -1.30
CA THR B 272 15.45 27.09 -1.73
C THR B 272 15.24 25.88 -0.80
N GLU B 273 15.34 24.65 -1.32
CA GLU B 273 15.19 23.41 -0.55
C GLU B 273 16.34 23.24 0.39
N MET B 274 16.10 22.56 1.52
CA MET B 274 17.16 22.23 2.45
C MET B 274 17.97 21.10 1.83
N LYS B 275 19.26 21.03 2.19
CA LYS B 275 20.14 19.99 1.65
C LYS B 275 19.55 18.62 2.00
N TYR B 276 19.82 17.62 1.15
CA TYR B 276 19.44 16.24 1.47
C TYR B 276 20.20 15.92 2.76
N ASP B 277 19.57 15.18 3.69
CA ASP B 277 20.17 14.85 4.99
C ASP B 277 21.60 14.29 4.90
N VAL B 278 21.88 13.45 3.91
CA VAL B 278 23.23 12.89 3.70
C VAL B 278 24.28 13.93 3.30
N ASN B 279 23.84 15.11 2.81
CA ASN B 279 24.71 16.22 2.40
C ASN B 279 24.68 17.38 3.40
N ARG B 280 23.88 17.23 4.45
CA ARG B 280 23.67 18.23 5.50
C ARG B 280 25.00 18.57 6.23
N ASN B 281 25.25 19.85 6.46
CA ASN B 281 26.36 20.26 7.28
C ASN B 281 25.78 20.28 8.70
N ALA B 282 26.14 19.28 9.51
CA ALA B 282 25.65 19.10 10.88
C ALA B 282 25.90 20.26 11.86
N SER B 283 26.86 21.14 11.58
CA SER B 283 27.08 22.31 12.42
C SER B 283 26.17 23.49 11.99
N ALA B 284 25.91 23.62 10.69
CA ALA B 284 25.15 24.72 10.11
C ALA B 284 23.68 24.43 9.83
N ASP B 285 23.33 23.19 9.44
CA ASP B 285 21.96 22.82 9.03
C ASP B 285 21.22 21.95 10.04
N PRO B 286 20.00 22.33 10.51
CA PRO B 286 19.27 21.44 11.44
C PRO B 286 18.66 20.25 10.71
N SER B 287 18.49 19.11 11.40
CA SER B 287 17.86 17.93 10.79
C SER B 287 16.35 18.12 10.88
N LEU B 288 15.57 17.26 10.19
CA LEU B 288 14.11 17.37 10.28
C LEU B 288 13.64 17.08 11.72
N ALA B 289 14.28 16.10 12.40
CA ALA B 289 13.94 15.77 13.78
C ALA B 289 14.18 16.95 14.74
N GLU B 290 15.27 17.71 14.52
CA GLU B 290 15.63 18.87 15.32
C GLU B 290 14.62 19.98 15.14
N MET B 291 14.20 20.22 13.89
CA MET B 291 13.20 21.24 13.57
C MET B 291 11.87 20.90 14.22
N THR B 292 11.49 19.62 14.19
CA THR B 292 10.28 19.06 14.79
C THR B 292 10.33 19.27 16.31
N GLU B 293 11.49 19.02 16.93
CA GLU B 293 11.63 19.22 18.38
C GLU B 293 11.40 20.68 18.78
N VAL B 294 12.06 21.62 18.05
CA VAL B 294 11.94 23.06 18.33
C VAL B 294 10.48 23.51 18.14
N ALA B 295 9.84 23.12 17.02
CA ALA B 295 8.43 23.43 16.75
C ALA B 295 7.53 22.92 17.89
N VAL B 296 7.61 21.64 18.28
CA VAL B 296 6.80 21.11 19.37
C VAL B 296 7.02 21.89 20.68
N ARG B 297 8.28 22.16 21.06
CA ARG B 297 8.61 22.90 22.28
C ARG B 297 7.97 24.30 22.30
N LEU B 298 8.04 25.03 21.18
CA LEU B 298 7.46 26.36 21.10
C LEU B 298 5.95 26.36 21.07
N LEU B 299 5.36 25.45 20.29
CA LEU B 299 3.91 25.35 20.12
C LEU B 299 3.19 24.84 21.36
N SER B 300 3.88 24.03 22.16
CA SER B 300 3.42 23.41 23.41
C SER B 300 3.06 24.40 24.49
N ARG B 301 3.63 25.60 24.42
CA ARG B 301 3.44 26.66 25.41
C ARG B 301 2.01 27.18 25.51
N ASN B 302 1.24 27.12 24.39
CA ASN B 302 -0.15 27.57 24.35
C ASN B 302 -1.02 26.55 25.12
N PRO B 303 -1.72 27.02 26.19
CA PRO B 303 -2.58 26.08 26.95
C PRO B 303 -3.77 25.55 26.16
N GLN B 304 -4.17 26.28 25.09
CA GLN B 304 -5.25 25.92 24.16
C GLN B 304 -4.86 24.79 23.17
N GLY B 305 -3.56 24.49 23.06
CA GLY B 305 -3.06 23.45 22.17
C GLY B 305 -2.49 23.98 20.87
N PHE B 306 -2.10 23.08 19.95
CA PHE B 306 -1.51 23.48 18.66
C PHE B 306 -1.84 22.54 17.52
N TYR B 307 -1.74 23.06 16.28
CA TYR B 307 -1.83 22.27 15.06
C TYR B 307 -0.42 22.34 14.46
N LEU B 308 0.18 21.19 14.15
CA LEU B 308 1.52 21.15 13.57
C LEU B 308 1.56 20.29 12.32
N PHE B 309 2.08 20.86 11.22
CA PHE B 309 2.29 20.13 9.97
C PHE B 309 3.80 19.89 9.78
N VAL B 310 4.24 18.62 9.67
CA VAL B 310 5.64 18.24 9.45
C VAL B 310 5.74 17.48 8.13
N GLU B 311 6.60 17.97 7.23
CA GLU B 311 6.75 17.37 5.91
C GLU B 311 8.16 16.86 5.55
N GLY B 312 8.25 15.57 5.21
CA GLY B 312 9.48 14.97 4.68
C GLY B 312 9.38 15.19 3.17
N GLY B 313 9.59 16.43 2.75
CA GLY B 313 9.37 16.85 1.38
C GLY B 313 10.37 16.42 0.33
N ARG B 314 11.58 16.00 0.77
CA ARG B 314 12.64 15.60 -0.16
C ARG B 314 12.65 14.12 -0.54
N ILE B 315 11.77 13.32 0.09
CA ILE B 315 11.55 11.92 -0.26
C ILE B 315 11.10 11.94 -1.75
N ASP B 316 10.08 12.79 -2.03
CA ASP B 316 9.53 13.04 -3.36
C ASP B 316 10.62 13.40 -4.40
N GLN B 317 11.46 14.39 -4.05
CA GLN B 317 12.55 14.90 -4.92
C GLN B 317 13.65 13.88 -5.24
N GLY B 318 13.97 13.00 -4.27
CA GLY B 318 14.90 11.90 -4.45
C GLY B 318 14.34 10.95 -5.52
N HIS B 319 13.05 10.57 -5.39
CA HIS B 319 12.35 9.72 -6.36
C HIS B 319 12.22 10.41 -7.73
N HIS B 320 11.95 11.74 -7.76
CA HIS B 320 11.91 12.48 -9.03
C HIS B 320 13.25 12.42 -9.78
N ALA B 321 14.37 12.44 -9.03
CA ALA B 321 15.74 12.35 -9.56
C ALA B 321 16.16 10.90 -9.86
N GLY B 322 15.23 9.95 -9.71
CA GLY B 322 15.47 8.53 -9.89
C GLY B 322 16.58 7.99 -8.99
N THR B 323 16.92 8.74 -7.91
CA THR B 323 18.01 8.40 -6.98
C THR B 323 17.45 7.87 -5.67
N ALA B 324 17.17 6.57 -5.62
CA ALA B 324 16.55 5.92 -4.47
C ALA B 324 17.31 6.10 -3.15
N TYR B 325 18.65 6.27 -3.21
CA TYR B 325 19.45 6.48 -2.01
C TYR B 325 19.00 7.75 -1.30
N LEU B 326 18.74 8.81 -2.08
CA LEU B 326 18.30 10.11 -1.54
C LEU B 326 16.88 10.02 -1.02
N ALA B 327 15.97 9.42 -1.81
CA ALA B 327 14.57 9.27 -1.43
C ALA B 327 14.43 8.51 -0.11
N LEU B 328 15.12 7.36 0.02
CA LEU B 328 15.04 6.49 1.19
C LEU B 328 15.73 7.03 2.43
N THR B 329 16.89 7.72 2.26
CA THR B 329 17.59 8.31 3.40
C THR B 329 16.76 9.47 4.00
N GLU B 330 16.00 10.20 3.14
CA GLU B 330 15.11 11.29 3.57
C GLU B 330 13.97 10.70 4.40
N ALA B 331 13.44 9.54 3.96
CA ALA B 331 12.35 8.82 4.64
C ALA B 331 12.82 8.27 5.98
N VAL B 332 14.10 7.84 6.08
CA VAL B 332 14.68 7.40 7.33
C VAL B 332 14.60 8.57 8.34
N MET B 333 15.06 9.78 7.94
CA MET B 333 15.03 10.98 8.76
C MET B 333 13.57 11.40 9.10
N PHE B 334 12.64 11.21 8.15
CA PHE B 334 11.23 11.48 8.34
C PHE B 334 10.68 10.60 9.51
N ASP B 335 11.01 9.31 9.46
CA ASP B 335 10.63 8.37 10.52
C ASP B 335 11.21 8.75 11.89
N SER B 336 12.42 9.33 11.91
CA SER B 336 13.06 9.76 13.16
C SER B 336 12.38 11.01 13.72
N ALA B 337 11.83 11.85 12.84
CA ALA B 337 11.08 13.05 13.26
C ALA B 337 9.76 12.61 13.90
N ILE B 338 9.14 11.52 13.40
CA ILE B 338 7.90 10.93 13.95
C ILE B 338 8.19 10.48 15.41
N GLU B 339 9.28 9.74 15.57
CA GLU B 339 9.78 9.26 16.86
C GLU B 339 10.00 10.43 17.87
N LYS B 340 10.70 11.52 17.46
CA LYS B 340 10.97 12.68 18.31
C LYS B 340 9.69 13.33 18.83
N ALA B 341 8.70 13.57 17.95
CA ALA B 341 7.39 14.14 18.32
C ALA B 341 6.64 13.21 19.29
N SER B 342 6.80 11.90 19.12
CA SER B 342 6.19 10.90 19.98
C SER B 342 6.75 11.00 21.41
N GLN B 343 8.08 11.25 21.55
CA GLN B 343 8.77 11.43 22.83
C GLN B 343 8.33 12.72 23.53
N LEU B 344 7.91 13.74 22.76
CA LEU B 344 7.54 15.05 23.27
C LEU B 344 6.05 15.28 23.47
N THR B 345 5.21 14.35 23.00
CA THR B 345 3.77 14.52 23.10
C THR B 345 3.13 13.32 23.74
N ASN B 346 1.94 13.50 24.32
CA ASN B 346 1.20 12.44 24.97
C ASN B 346 -0.02 12.02 24.11
N GLU B 347 -0.20 10.72 23.85
CA GLU B 347 -1.34 10.23 23.05
C GLU B 347 -2.70 10.49 23.66
N LYS B 348 -2.77 10.67 24.99
CA LYS B 348 -4.01 11.03 25.71
C LYS B 348 -4.58 12.37 25.24
N ASP B 349 -3.72 13.32 24.78
CA ASP B 349 -4.22 14.64 24.35
C ASP B 349 -3.78 15.05 22.94
N THR B 350 -2.97 14.20 22.28
CA THR B 350 -2.44 14.52 20.94
C THR B 350 -2.89 13.54 19.85
N LEU B 351 -3.54 14.05 18.80
CA LEU B 351 -3.88 13.24 17.64
C LEU B 351 -2.73 13.44 16.62
N THR B 352 -1.99 12.38 16.30
CA THR B 352 -0.90 12.39 15.32
C THR B 352 -1.31 11.49 14.17
N LEU B 353 -1.30 12.02 12.93
CA LEU B 353 -1.54 11.21 11.73
C LEU B 353 -0.25 11.18 10.93
N ILE B 354 0.02 10.05 10.26
CA ILE B 354 1.11 9.90 9.32
C ILE B 354 0.47 9.43 8.01
N THR B 355 0.86 10.06 6.91
CA THR B 355 0.40 9.70 5.58
C THR B 355 1.38 10.23 4.51
N ALA B 356 1.00 10.02 3.25
CA ALA B 356 1.73 10.47 2.08
C ALA B 356 0.70 11.22 1.26
N ASP B 357 1.16 12.13 0.40
CA ASP B 357 0.21 12.82 -0.48
C ASP B 357 -0.12 11.94 -1.70
N HIS B 358 0.84 11.13 -2.14
CA HIS B 358 0.77 10.22 -3.28
C HIS B 358 2.00 9.32 -3.25
N SER B 359 2.03 8.36 -4.17
CA SER B 359 3.13 7.42 -4.33
C SER B 359 4.01 7.79 -5.55
N HIS B 360 4.90 6.88 -5.96
CA HIS B 360 5.77 7.03 -7.13
C HIS B 360 5.68 5.77 -8.02
N VAL B 361 6.52 5.69 -9.05
CA VAL B 361 6.57 4.50 -9.90
C VAL B 361 7.82 3.69 -9.51
N PHE B 362 8.17 3.77 -8.21
CA PHE B 362 9.29 3.11 -7.56
C PHE B 362 8.84 1.73 -7.07
N ALA B 363 9.69 0.74 -7.31
CA ALA B 363 9.45 -0.61 -6.78
C ALA B 363 10.76 -1.34 -6.55
N PHE B 364 10.71 -2.40 -5.74
CA PHE B 364 11.85 -3.27 -5.45
C PHE B 364 11.41 -4.74 -5.52
N GLY B 365 12.14 -5.52 -6.31
CA GLY B 365 11.89 -6.94 -6.53
C GLY B 365 13.15 -7.75 -6.68
N GLY B 366 13.10 -8.76 -7.54
CA GLY B 366 14.25 -9.61 -7.86
C GLY B 366 14.57 -10.72 -6.89
N TYR B 367 13.64 -11.07 -5.99
CA TYR B 367 13.81 -12.18 -5.02
C TYR B 367 15.12 -12.10 -4.23
N THR B 368 15.40 -10.93 -3.68
CA THR B 368 16.62 -10.70 -2.91
C THR B 368 16.66 -11.43 -1.58
N LEU B 369 17.87 -11.79 -1.13
CA LEU B 369 18.06 -12.53 0.12
C LEU B 369 17.82 -11.64 1.35
N ARG B 370 17.42 -12.27 2.47
CA ARG B 370 17.18 -11.60 3.73
C ARG B 370 18.49 -11.00 4.21
N GLY B 371 18.44 -9.73 4.61
CA GLY B 371 19.61 -9.03 5.13
C GLY B 371 20.46 -8.32 4.10
N THR B 372 20.09 -8.39 2.82
CA THR B 372 20.86 -7.72 1.77
C THR B 372 20.43 -6.24 1.61
N SER B 373 21.35 -5.42 1.14
CA SER B 373 21.14 -3.99 0.92
C SER B 373 20.01 -3.76 -0.08
N ILE B 374 19.12 -2.81 0.25
CA ILE B 374 18.00 -2.44 -0.63
C ILE B 374 18.53 -1.92 -1.99
N PHE B 375 19.78 -1.36 -2.01
CA PHE B 375 20.46 -0.83 -3.19
C PHE B 375 21.23 -1.89 -3.97
N GLY B 376 21.17 -3.13 -3.48
CA GLY B 376 21.88 -4.27 -4.06
C GLY B 376 21.27 -4.82 -5.33
N LEU B 377 21.89 -5.87 -5.84
CA LEU B 377 21.51 -6.54 -7.07
C LEU B 377 20.67 -7.78 -6.80
N ALA B 378 19.85 -8.17 -7.77
CA ALA B 378 19.07 -9.40 -7.65
C ALA B 378 20.08 -10.58 -7.66
N PRO B 379 19.85 -11.70 -6.93
CA PRO B 379 20.85 -12.79 -6.92
C PRO B 379 21.17 -13.44 -8.27
N LEU B 380 20.30 -13.28 -9.28
CA LEU B 380 20.48 -13.86 -10.62
C LEU B 380 20.55 -12.78 -11.67
N ASN B 381 21.28 -13.05 -12.77
CA ASN B 381 21.35 -12.14 -13.89
C ASN B 381 20.03 -12.14 -14.63
N ALA B 382 19.73 -11.04 -15.34
CA ALA B 382 18.52 -10.91 -16.14
C ALA B 382 18.61 -11.81 -17.39
N GLN B 383 17.58 -11.78 -18.25
CA GLN B 383 17.49 -12.55 -19.50
C GLN B 383 18.67 -12.29 -20.46
N ASP B 384 19.20 -11.06 -20.46
CA ASP B 384 20.32 -10.62 -21.29
C ASP B 384 21.72 -10.98 -20.70
N GLY B 385 21.74 -11.80 -19.64
CA GLY B 385 22.97 -12.24 -18.96
C GLY B 385 23.66 -11.20 -18.10
N LYS B 386 23.05 -10.00 -17.96
CA LYS B 386 23.59 -8.90 -17.15
C LYS B 386 22.78 -8.78 -15.87
N SER B 387 23.41 -8.24 -14.83
CA SER B 387 22.82 -8.01 -13.52
C SER B 387 21.63 -7.03 -13.56
N TYR B 388 20.86 -7.03 -12.48
CA TYR B 388 19.78 -6.07 -12.31
C TYR B 388 19.61 -5.73 -10.85
N THR B 389 19.29 -4.47 -10.60
CA THR B 389 19.11 -4.04 -9.20
C THR B 389 17.72 -4.43 -8.69
N SER B 390 17.59 -4.62 -7.36
CA SER B 390 16.28 -4.89 -6.74
C SER B 390 15.35 -3.68 -7.04
N ILE B 391 15.84 -2.45 -6.77
CA ILE B 391 15.11 -1.21 -7.07
C ILE B 391 15.14 -0.91 -8.58
N LEU B 392 13.96 -0.62 -9.12
CA LEU B 392 13.75 -0.22 -10.49
C LEU B 392 12.61 0.81 -10.48
N TYR B 393 12.66 1.77 -11.40
CA TYR B 393 11.67 2.82 -11.58
C TYR B 393 10.96 2.55 -12.89
N GLY B 394 9.68 2.90 -12.98
CA GLY B 394 8.95 2.74 -14.22
C GLY B 394 9.44 3.73 -15.27
N ASN B 395 9.72 4.95 -14.85
CA ASN B 395 10.17 6.03 -15.73
C ASN B 395 11.16 7.00 -15.04
N GLY B 396 11.58 8.04 -15.75
CA GLY B 396 12.46 9.05 -15.18
C GLY B 396 13.86 9.13 -15.76
N PRO B 397 14.75 9.89 -15.06
CA PRO B 397 16.12 10.10 -15.60
C PRO B 397 17.08 8.92 -15.51
N GLY B 398 16.62 7.80 -14.96
CA GLY B 398 17.44 6.60 -14.80
C GLY B 398 17.49 5.74 -16.05
N TYR B 399 16.67 6.09 -17.06
CA TYR B 399 16.59 5.40 -18.36
C TYR B 399 17.91 5.43 -19.09
N VAL B 400 18.33 4.27 -19.56
CA VAL B 400 19.57 4.08 -20.32
C VAL B 400 19.34 3.17 -21.53
N LEU B 401 19.24 3.80 -22.69
CA LEU B 401 19.03 3.15 -23.98
C LEU B 401 20.36 2.56 -24.44
N ASN B 402 21.42 3.43 -24.55
CA ASN B 402 22.79 3.08 -24.90
C ASN B 402 22.88 2.25 -26.20
N SER B 403 22.13 2.67 -27.26
CA SER B 403 22.03 1.99 -28.56
C SER B 403 21.62 0.49 -28.41
N GLY B 404 20.88 0.22 -27.34
CA GLY B 404 20.41 -1.13 -27.02
C GLY B 404 21.41 -1.94 -26.21
N ASN B 405 22.32 -1.25 -25.51
CA ASN B 405 23.31 -1.92 -24.67
C ASN B 405 23.05 -1.61 -23.20
N ARG B 406 22.23 -2.45 -22.53
CA ARG B 406 21.87 -2.29 -21.13
C ARG B 406 23.10 -2.42 -20.25
N PRO B 407 23.35 -1.46 -19.33
CA PRO B 407 24.53 -1.58 -18.45
C PRO B 407 24.53 -2.85 -17.62
N ASN B 408 25.72 -3.31 -17.24
CA ASN B 408 25.90 -4.47 -16.36
C ASN B 408 26.54 -3.96 -15.08
N VAL B 409 25.70 -3.31 -14.28
CA VAL B 409 26.00 -2.61 -13.04
C VAL B 409 26.54 -3.54 -11.95
N THR B 410 27.51 -3.04 -11.14
CA THR B 410 28.08 -3.79 -10.03
C THR B 410 27.43 -3.36 -8.73
N ASP B 411 27.64 -4.13 -7.65
CA ASP B 411 27.16 -3.82 -6.31
C ASP B 411 27.71 -2.44 -5.86
N ALA B 412 29.00 -2.16 -6.15
CA ALA B 412 29.68 -0.90 -5.81
C ALA B 412 29.00 0.29 -6.47
N GLU B 413 28.67 0.17 -7.78
CA GLU B 413 28.00 1.21 -8.54
C GLU B 413 26.56 1.41 -8.06
N SER B 414 25.84 0.32 -7.80
CA SER B 414 24.43 0.33 -7.41
C SER B 414 24.16 0.91 -6.03
N GLY B 415 25.16 0.79 -5.15
CA GLY B 415 25.04 1.31 -3.78
C GLY B 415 25.55 2.73 -3.64
N ASP B 416 26.01 3.33 -4.76
CA ASP B 416 26.55 4.69 -4.76
C ASP B 416 25.46 5.71 -4.46
N VAL B 417 25.83 6.73 -3.67
CA VAL B 417 24.96 7.83 -3.24
C VAL B 417 24.20 8.48 -4.40
N ASN B 418 24.86 8.68 -5.57
CA ASN B 418 24.26 9.32 -6.74
C ASN B 418 23.75 8.38 -7.82
N TYR B 419 23.72 7.06 -7.55
CA TYR B 419 23.24 6.08 -8.53
C TYR B 419 21.76 6.24 -8.86
N LYS B 420 21.45 6.29 -10.16
CA LYS B 420 20.10 6.35 -10.70
C LYS B 420 19.72 4.93 -11.20
N GLN B 421 18.73 4.30 -10.57
CA GLN B 421 18.29 2.95 -10.96
C GLN B 421 17.69 2.96 -12.37
N GLN B 422 17.74 1.82 -13.05
CA GLN B 422 17.21 1.76 -14.40
C GLN B 422 15.71 2.00 -14.48
N ALA B 423 15.26 2.55 -15.62
CA ALA B 423 13.85 2.88 -15.90
C ALA B 423 13.45 2.48 -17.33
N ALA B 424 12.15 2.22 -17.54
CA ALA B 424 11.59 1.78 -18.83
C ALA B 424 11.38 2.91 -19.81
N VAL B 425 11.06 4.10 -19.30
CA VAL B 425 10.73 5.27 -20.12
C VAL B 425 11.54 6.51 -19.70
N PRO B 426 12.20 7.24 -20.66
CA PRO B 426 12.96 8.44 -20.27
C PRO B 426 12.11 9.68 -19.99
N LEU B 427 12.36 10.33 -18.85
CA LEU B 427 11.71 11.58 -18.47
C LEU B 427 12.74 12.41 -17.71
N SER B 428 12.67 13.76 -17.77
CA SER B 428 13.62 14.60 -17.02
C SER B 428 13.45 14.35 -15.52
N SER B 429 12.22 14.01 -15.12
CA SER B 429 11.85 13.74 -13.74
C SER B 429 10.89 12.54 -13.72
N GLU B 430 11.15 11.58 -12.80
CA GLU B 430 10.29 10.39 -12.62
C GLU B 430 8.87 10.87 -12.16
N THR B 431 7.81 10.14 -12.52
CA THR B 431 6.45 10.59 -12.19
C THR B 431 5.89 9.98 -10.91
N HIS B 432 4.88 10.63 -10.35
CA HIS B 432 4.10 10.12 -9.23
C HIS B 432 3.36 8.84 -9.65
N GLY B 433 2.92 8.06 -8.68
CA GLY B 433 2.11 6.86 -8.91
C GLY B 433 0.71 7.24 -8.50
N GLY B 434 -0.30 6.59 -9.06
CA GLY B 434 -1.69 6.89 -8.72
C GLY B 434 -2.30 6.03 -7.63
N GLU B 435 -1.52 5.06 -7.10
CA GLU B 435 -2.09 4.16 -6.11
C GLU B 435 -2.30 4.71 -4.73
N ASP B 436 -3.20 4.05 -3.96
CA ASP B 436 -3.52 4.42 -2.58
C ASP B 436 -2.28 4.47 -1.69
N VAL B 437 -2.37 5.30 -0.65
CA VAL B 437 -1.29 5.44 0.33
C VAL B 437 -1.85 5.07 1.72
N ALA B 438 -0.95 4.80 2.66
CA ALA B 438 -1.36 4.46 4.01
C ALA B 438 -1.64 5.71 4.85
N ILE B 439 -2.49 5.57 5.86
CA ILE B 439 -2.74 6.59 6.87
C ILE B 439 -2.51 5.83 8.16
N PHE B 440 -1.65 6.36 9.05
CA PHE B 440 -1.39 5.79 10.37
C PHE B 440 -1.90 6.84 11.37
N ALA B 441 -2.54 6.42 12.46
CA ALA B 441 -3.07 7.38 13.45
C ALA B 441 -2.92 6.91 14.88
N ARG B 442 -2.70 7.87 15.80
CA ARG B 442 -2.56 7.65 17.24
C ARG B 442 -3.17 8.83 17.96
N GLY B 443 -3.88 8.56 19.04
CA GLY B 443 -4.44 9.59 19.92
C GLY B 443 -5.94 9.72 19.93
N PRO B 444 -6.47 10.85 20.47
CA PRO B 444 -7.94 11.02 20.51
C PRO B 444 -8.54 11.04 19.10
N GLN B 445 -9.56 10.22 18.87
CA GLN B 445 -10.27 10.07 17.59
C GLN B 445 -9.45 9.35 16.48
N ALA B 446 -8.28 8.79 16.81
CA ALA B 446 -7.46 8.06 15.83
C ALA B 446 -8.22 6.83 15.29
N HIS B 447 -9.08 6.22 16.12
CA HIS B 447 -9.89 5.06 15.72
C HIS B 447 -10.85 5.38 14.56
N LEU B 448 -11.12 6.67 14.28
CA LEU B 448 -11.97 7.07 13.13
C LEU B 448 -11.23 6.87 11.78
N VAL B 449 -9.89 6.67 11.85
CA VAL B 449 -9.03 6.43 10.71
C VAL B 449 -9.08 4.93 10.47
N HIS B 450 -9.97 4.48 9.56
CA HIS B 450 -10.22 3.08 9.28
C HIS B 450 -10.61 2.89 7.83
N GLY B 451 -10.63 1.63 7.38
CA GLY B 451 -11.04 1.21 6.05
C GLY B 451 -10.31 1.87 4.90
N VAL B 452 -11.05 2.20 3.83
CA VAL B 452 -10.55 2.86 2.62
C VAL B 452 -11.26 4.19 2.58
N GLN B 453 -10.49 5.29 2.61
CA GLN B 453 -11.03 6.65 2.67
C GLN B 453 -10.54 7.51 1.53
N GLU B 454 -11.31 8.57 1.22
CA GLU B 454 -10.93 9.60 0.27
C GLU B 454 -9.87 10.43 1.03
N GLN B 455 -8.84 10.95 0.33
CA GLN B 455 -7.76 11.69 1.00
C GLN B 455 -8.21 12.89 1.82
N ASN B 456 -9.24 13.62 1.32
CA ASN B 456 -9.78 14.80 2.01
C ASN B 456 -10.34 14.49 3.40
N TYR B 457 -10.57 13.20 3.69
CA TYR B 457 -11.05 12.72 4.98
C TYR B 457 -10.06 13.04 6.12
N ILE B 458 -8.75 12.99 5.86
CA ILE B 458 -7.67 13.30 6.83
C ILE B 458 -7.90 14.68 7.50
N ALA B 459 -8.23 15.70 6.69
CA ALA B 459 -8.47 17.06 7.18
C ALA B 459 -9.72 17.12 8.09
N HIS B 460 -10.81 16.39 7.72
CA HIS B 460 -12.05 16.32 8.49
C HIS B 460 -11.90 15.61 9.84
N VAL B 461 -11.09 14.53 9.91
CA VAL B 461 -10.82 13.78 11.15
C VAL B 461 -10.09 14.69 12.14
N MET B 462 -9.07 15.40 11.63
CA MET B 462 -8.29 16.31 12.45
C MET B 462 -9.13 17.48 12.93
N ALA B 463 -9.98 18.06 12.05
CA ALA B 463 -10.85 19.17 12.43
C ALA B 463 -11.87 18.71 13.47
N PHE B 464 -12.47 17.52 13.27
CA PHE B 464 -13.45 16.95 14.20
C PHE B 464 -12.81 16.71 15.57
N ALA B 465 -11.63 16.03 15.61
CA ALA B 465 -10.89 15.72 16.82
C ALA B 465 -10.51 16.93 17.65
N GLY B 466 -10.22 18.05 16.98
CA GLY B 466 -9.84 19.29 17.65
C GLY B 466 -11.00 20.22 17.96
N CYS B 467 -12.23 19.80 17.59
CA CYS B 467 -13.47 20.57 17.74
C CYS B 467 -13.37 21.90 16.99
N LEU B 468 -12.72 21.85 15.83
CA LEU B 468 -12.54 23.00 14.94
C LEU B 468 -13.69 23.02 13.95
N GLU B 469 -13.94 24.19 13.36
CA GLU B 469 -14.95 24.42 12.33
C GLU B 469 -14.73 23.41 11.19
N PRO B 470 -15.77 22.75 10.61
CA PRO B 470 -17.22 22.92 10.83
C PRO B 470 -17.77 22.03 11.96
N TYR B 471 -16.90 21.49 12.82
CA TYR B 471 -17.29 20.58 13.91
C TYR B 471 -17.12 21.16 15.32
N THR B 472 -17.39 22.48 15.51
CA THR B 472 -17.31 23.15 16.83
C THR B 472 -18.33 22.51 17.79
N ASP B 473 -19.40 21.93 17.23
CA ASP B 473 -20.41 21.19 17.97
C ASP B 473 -20.04 19.67 17.94
N CYS B 474 -18.74 19.34 18.18
CA CYS B 474 -18.16 17.99 18.19
C CYS B 474 -18.84 17.04 19.19
N GLY B 475 -19.28 17.57 20.34
CA GLY B 475 -19.92 16.79 21.38
C GLY B 475 -18.94 15.88 22.11
N LEU B 476 -17.64 16.18 22.02
CA LEU B 476 -16.59 15.38 22.64
C LEU B 476 -16.21 15.90 23.99
N ALA B 477 -15.84 14.98 24.88
CA ALA B 477 -15.35 15.32 26.22
C ALA B 477 -13.93 15.88 26.04
N PRO B 478 -13.45 16.78 26.94
CA PRO B 478 -12.08 17.29 26.78
C PRO B 478 -11.04 16.21 27.07
N PRO B 479 -9.79 16.32 26.56
CA PRO B 479 -8.78 15.26 26.84
C PRO B 479 -8.61 14.92 28.32
N ALA B 480 -8.44 13.63 28.60
CA ALA B 480 -8.33 13.07 29.96
C ALA B 480 -7.06 12.24 30.12
N ASP B 481 -7.15 11.09 30.84
CA ASP B 481 -6.02 10.22 31.16
C ASP B 481 -6.17 8.79 30.62
N GLU B 482 -6.85 8.63 29.47
CA GLU B 482 -7.06 7.34 28.80
C GLU B 482 -6.10 7.16 27.61
N HIS B 483 -5.28 6.09 27.63
CA HIS B 483 -4.31 5.76 26.59
C HIS B 483 -4.78 4.54 25.74
N HIS B 484 -4.11 4.29 24.59
CA HIS B 484 -4.43 3.18 23.69
C HIS B 484 -4.05 1.85 24.32
C1 NAG C . -16.35 -24.23 -25.27
C2 NAG C . -15.49 -24.60 -26.48
C3 NAG C . -16.45 -25.24 -27.48
C4 NAG C . -17.16 -26.46 -26.90
C5 NAG C . -17.94 -25.98 -25.67
C6 NAG C . -18.76 -27.06 -24.98
C7 NAG C . -15.34 -22.39 -27.57
C8 NAG C . -14.39 -21.38 -28.17
N2 NAG C . -14.75 -23.48 -27.08
O3 NAG C . -15.75 -25.56 -28.65
O4 NAG C . -18.09 -26.90 -27.84
O5 NAG C . -16.99 -25.40 -24.76
O6 NAG C . -18.00 -28.27 -24.91
O7 NAG C . -16.59 -22.17 -27.53
C1 NAG C . -17.69 -28.07 -28.61
C2 NAG C . -18.94 -28.85 -29.02
C3 NAG C . -18.65 -29.98 -30.02
C4 NAG C . -17.94 -29.54 -31.30
C5 NAG C . -16.83 -28.55 -30.94
C6 NAG C . -16.68 -27.56 -32.10
C7 NAG C . -20.71 -28.75 -27.42
C8 NAG C . -21.41 -29.32 -26.19
N2 NAG C . -19.62 -29.36 -27.85
O3 NAG C . -19.92 -30.53 -30.28
O4 NAG C . -17.41 -30.62 -32.12
O5 NAG C . -16.96 -27.71 -29.77
O6 NAG C . -15.33 -27.16 -32.07
O7 NAG C . -21.16 -27.73 -27.98
C1 NAG C . -17.37 -30.38 -33.57
C2 NAG C . -16.94 -31.52 -34.57
C3 NAG C . -17.66 -31.14 -35.87
C4 NAG C . -19.17 -31.39 -35.77
C5 NAG C . -19.70 -30.59 -34.57
C6 NAG C . -20.38 -31.53 -33.58
C7 NAG C . -14.48 -31.26 -35.73
C8 NAG C . -14.06 -29.83 -35.46
N2 NAG C . -15.63 -31.82 -35.24
O3 NAG C . -17.03 -31.71 -37.01
O4 NAG C . -19.79 -30.90 -36.91
O5 NAG C . -18.68 -29.85 -33.87
O6 NAG C . -21.73 -31.73 -33.95
O7 NAG C . -13.69 -32.00 -36.36
C1 NAG C . -21.98 -33.11 -34.32
C2 NAG C . -22.29 -34.15 -33.23
C3 NAG C . -21.49 -35.18 -34.07
C4 NAG C . -22.26 -35.56 -35.37
C5 NAG C . -22.81 -34.38 -36.18
C6 NAG C . -24.20 -34.63 -36.85
C7 NAG C . -22.46 -33.48 -30.69
C8 NAG C . -21.56 -33.08 -29.56
N2 NAG C . -21.80 -33.76 -31.88
O3 NAG C . -21.02 -36.37 -33.47
O4 NAG C . -21.34 -36.24 -36.19
O5 NAG C . -22.92 -33.23 -35.37
O6 NAG C . -24.49 -35.97 -37.25
O7 NAG C . -23.69 -33.52 -30.44
C1 NAG D . 30.09 23.33 8.10
C2 NAG D . 31.49 23.44 7.52
C3 NAG D . 32.52 24.14 8.42
C4 NAG D . 31.99 25.28 9.28
C5 NAG D . 30.58 24.94 9.75
C6 NAG D . 29.86 26.15 10.36
C7 NAG D . 32.05 21.86 5.83
C8 NAG D . 32.62 20.52 5.44
N2 NAG D . 32.01 22.14 7.12
O3 NAG D . 33.46 24.75 7.57
O4 NAG D . 32.94 25.26 10.33
O5 NAG D . 29.79 24.58 8.65
O6 NAG D . 29.80 27.10 9.30
O7 NAG D . 31.61 22.68 4.99
C1 NAG D . 33.63 26.41 10.93
C2 NAG D . 34.27 27.61 10.21
C3 NAG D . 35.33 28.10 11.23
C4 NAG D . 34.74 28.38 12.62
C5 NAG D . 33.84 27.22 13.08
C6 NAG D . 33.03 27.55 14.33
C7 NAG D . 35.59 28.16 8.11
C8 NAG D . 35.50 29.67 8.24
N2 NAG D . 35.01 27.31 9.00
O3 NAG D . 36.15 29.18 10.80
O4 NAG D . 35.81 28.57 13.52
O5 NAG D . 32.93 26.88 12.04
O6 NAG D . 32.12 26.48 14.56
O7 NAG D . 36.21 27.71 7.15
C1 NAG D . 30.10 28.40 9.80
C2 NAG D . 30.69 29.30 8.67
C3 NAG D . 29.60 30.02 7.84
C4 NAG D . 28.15 29.74 8.21
C5 NAG D . 27.85 29.37 9.68
C6 NAG D . 26.65 28.46 9.82
C7 NAG D . 32.43 30.76 10.06
C8 NAG D . 33.35 31.94 9.82
N2 NAG D . 31.71 30.35 8.98
O3 NAG D . 29.80 29.75 6.48
O4 NAG D . 27.44 30.95 8.00
O5 NAG D . 28.92 28.82 10.42
O6 NAG D . 25.97 28.45 8.59
O7 NAG D . 32.39 30.26 11.19
ZN ZN E . 4.18 -15.12 -8.52
ZN ZN F . 1.85 -15.17 -5.04
MG MG G . -0.62 -18.59 -6.06
MG MG H . -12.63 -26.03 -18.43
MG MG I . -24.19 -10.18 4.26
O1 4NP J . 8.79 -17.40 -11.65
C1 4NP J . 7.89 -17.59 -10.66
C2 4NP J . 6.73 -18.58 -10.72
C3 4NP J . 5.89 -18.59 -9.52
C4 4NP J . 6.23 -17.65 -8.36
C5 4NP J . 7.39 -16.75 -8.39
C6 4NP J . 8.19 -16.71 -9.54
N 4NP J . 5.46 -17.56 -7.10
O5 4NP J . 4.23 -16.88 -7.24
O6 4NP J . 5.93 -18.05 -6.03
C1 NAG K . 4.79 9.26 -32.22
C2 NAG K . 5.58 10.49 -32.66
C3 NAG K . 4.83 11.77 -32.32
C4 NAG K . 3.38 11.68 -32.77
C5 NAG K . 2.75 10.38 -32.32
C6 NAG K . 1.31 10.26 -32.85
C7 NAG K . 8.00 10.28 -32.72
C8 NAG K . 7.83 9.78 -34.12
N2 NAG K . 6.88 10.50 -32.02
O3 NAG K . 5.46 12.86 -32.95
O4 NAG K . 2.66 12.77 -32.22
O5 NAG K . 3.51 9.30 -32.80
O6 NAG K . 0.47 9.81 -31.80
O7 NAG K . 9.12 10.47 -32.26
ZN ZN L . 6.45 15.22 -6.82
ZN ZN M . 4.07 15.20 -3.40
MG MG N . 5.60 18.95 -1.57
MG MG O . 21.88 25.80 5.63
MG MG P . 4.30 10.00 23.91
O1 4NP Q . 8.06 16.92 -11.88
C1 4NP Q . 7.05 17.07 -11.03
C2 4NP Q . 5.58 17.01 -11.38
C3 4NP Q . 4.72 17.20 -10.20
C4 4NP Q . 5.33 17.41 -8.82
C5 4NP Q . 6.76 17.46 -8.61
C6 4NP Q . 7.61 17.30 -9.69
N 4NP Q . 4.54 17.60 -7.58
O5 4NP Q . 5.18 17.07 -6.45
O6 4NP Q . 3.40 18.19 -7.58
C1 NAG R . 28.16 -8.98 -16.11
C2 NAG R . 28.26 -10.14 -17.09
C3 NAG R . 28.10 -11.47 -16.39
C4 NAG R . 28.99 -11.54 -15.14
C5 NAG R . 28.84 -10.28 -14.30
C6 NAG R . 29.79 -10.31 -13.11
C7 NAG R . 27.57 -9.67 -19.37
C8 NAG R . 26.57 -10.04 -20.44
N2 NAG R . 27.25 -10.00 -18.12
O3 NAG R . 28.44 -12.52 -17.27
O4 NAG R . 28.63 -12.67 -14.37
O5 NAG R . 29.12 -9.15 -15.09
O6 NAG R . 29.05 -10.22 -11.91
O7 NAG R . 28.61 -9.09 -19.67
#